data_6QFS
#
_entry.id   6QFS
#
_cell.length_a   137.382
_cell.length_b   137.382
_cell.length_c   148.548
_cell.angle_alpha   90.000
_cell.angle_beta   90.000
_cell.angle_gamma   120.000
#
_symmetry.space_group_name_H-M   'P 32 2 1'
#
loop_
_entity.id
_entity.type
_entity.pdbx_description
1 polymer Exoglucanase/xylanase
2 non-polymer 'ACETATE ION'
3 non-polymer 1,2-ETHANEDIOL
4 non-polymer 'FORMIC ACID'
5 non-polymer 3-PYRIDINIUM-1-YLPROPANE-1-SULFONATE
6 non-polymer DI(HYDROXYETHYL)ETHER
7 non-polymer 2-{2-[2-2-(METHOXY-ETHOXY)-ETHOXY]-ETHOXY}-ETHANOL
8 non-polymer GLYCEROL
9 water water
#
_entity_poly.entity_id   1
_entity_poly.type   'polypeptide(L)'
_entity_poly.pdbx_seq_one_letter_code
;AAGCQVLWGVNQWNTGFTANVTVQNTSSAPVQGWTLTFSFPSGQQVTQAWSSTVTQSGSAVTVQNAPWNGSIPAGGTAQF
GFNGSWTGTNAAPTAFSLNGTPCTVG
;
_entity_poly.pdbx_strand_id   A,B,C,D,E,F,G,H
#
loop_
_chem_comp.id
_chem_comp.type
_chem_comp.name
_chem_comp.formula
1PS non-polymer 3-PYRIDINIUM-1-YLPROPANE-1-SULFONATE 'C8 H11 N O3 S'
ACT non-polymer 'ACETATE ION' 'C2 H3 O2 -1'
EDO non-polymer 1,2-ETHANEDIOL 'C2 H6 O2'
ETE non-polymer 2-{2-[2-2-(METHOXY-ETHOXY)-ETHOXY]-ETHOXY}-ETHANOL 'C9 H20 O5'
FMT non-polymer 'FORMIC ACID' 'C H2 O2'
GOL non-polymer GLYCEROL 'C3 H8 O3'
PEG non-polymer DI(HYDROXYETHYL)ETHER 'C4 H10 O3'
#
# COMPACT_ATOMS: atom_id res chain seq x y z
N GLY A 3 -32.16 2.55 18.06
CA GLY A 3 -32.06 2.56 16.60
C GLY A 3 -30.79 3.21 16.12
N CYS A 4 -30.04 2.48 15.30
CA CYS A 4 -28.77 2.94 14.75
C CYS A 4 -28.67 2.52 13.28
N GLN A 5 -27.91 3.30 12.51
CA GLN A 5 -27.62 2.95 11.12
C GLN A 5 -26.16 3.26 10.82
N VAL A 6 -25.50 2.31 10.15
CA VAL A 6 -24.08 2.39 9.82
C VAL A 6 -23.95 2.61 8.32
N LEU A 7 -23.10 3.57 7.92
CA LEU A 7 -22.64 3.76 6.55
C LEU A 7 -21.19 3.31 6.45
N TRP A 8 -20.89 2.44 5.50
CA TRP A 8 -19.59 1.78 5.39
C TRP A 8 -18.94 2.22 4.09
N GLY A 9 -18.06 3.21 4.17
CA GLY A 9 -17.38 3.71 2.99
C GLY A 9 -16.04 3.02 2.83
N VAL A 10 -15.65 2.77 1.59
CA VAL A 10 -14.49 1.93 1.33
C VAL A 10 -13.64 2.57 0.23
N ASN A 11 -12.36 2.72 0.53
CA ASN A 11 -11.33 2.93 -0.47
C ASN A 11 -10.51 1.65 -0.52
N GLN A 12 -10.19 1.21 -1.71
CA GLN A 12 -9.68 -0.13 -1.94
C GLN A 12 -8.39 -0.05 -2.72
N TRP A 13 -7.36 -0.79 -2.29
CA TRP A 13 -6.18 -0.95 -3.12
C TRP A 13 -5.67 -2.40 -3.00
N ASN A 14 -4.39 -2.63 -3.31
CA ASN A 14 -3.99 -4.01 -3.60
C ASN A 14 -3.88 -4.87 -2.35
N THR A 15 -3.28 -4.36 -1.28
CA THR A 15 -3.13 -5.16 -0.06
C THR A 15 -3.80 -4.54 1.14
N GLY A 16 -4.34 -3.32 1.04
CA GLY A 16 -5.03 -2.70 2.15
C GLY A 16 -6.29 -1.99 1.70
N PHE A 17 -6.98 -1.37 2.66
CA PHE A 17 -8.21 -0.66 2.39
C PHE A 17 -8.45 0.30 3.55
N THR A 18 -9.33 1.27 3.31
CA THR A 18 -9.81 2.20 4.31
C THR A 18 -11.30 1.96 4.46
N ALA A 19 -11.77 1.83 5.69
CA ALA A 19 -13.19 1.91 6.00
C ALA A 19 -13.42 3.27 6.66
N ASN A 20 -14.28 4.10 6.04
CA ASN A 20 -14.72 5.38 6.59
C ASN A 20 -16.16 5.19 7.04
N VAL A 21 -16.37 5.18 8.35
CA VAL A 21 -17.63 4.69 8.91
C VAL A 21 -18.43 5.86 9.46
N THR A 22 -19.75 5.77 9.31
CA THR A 22 -20.69 6.73 9.89
C THR A 22 -21.70 5.95 10.72
N VAL A 23 -21.83 6.31 12.00
CA VAL A 23 -22.88 5.78 12.85
C VAL A 23 -23.96 6.85 12.96
N GLN A 24 -25.19 6.49 12.60
CA GLN A 24 -26.30 7.43 12.57
C GLN A 24 -27.25 7.09 13.71
N ASN A 25 -27.52 8.07 14.57
CA ASN A 25 -28.42 7.86 15.70
C ASN A 25 -29.84 8.06 15.19
N THR A 26 -30.42 6.98 14.64
CA THR A 26 -31.78 6.99 14.12
C THR A 26 -32.82 6.79 15.21
N SER A 27 -32.44 6.96 16.47
CA SER A 27 -33.37 6.89 17.58
C SER A 27 -33.75 8.29 18.02
N SER A 28 -34.65 8.35 19.00
N SER A 28 -34.65 8.35 19.00
CA SER A 28 -35.11 9.62 19.57
CA SER A 28 -35.12 9.61 19.56
C SER A 28 -34.36 10.02 20.82
C SER A 28 -34.38 10.01 20.83
N ALA A 29 -33.46 9.17 21.32
CA ALA A 29 -32.73 9.43 22.54
C ALA A 29 -31.26 9.71 22.26
N PRO A 30 -30.65 10.66 22.95
CA PRO A 30 -29.24 10.97 22.71
C PRO A 30 -28.33 9.86 23.22
N VAL A 31 -27.12 9.84 22.67
CA VAL A 31 -26.13 8.80 22.98
C VAL A 31 -24.89 9.48 23.54
N GLN A 32 -24.48 9.06 24.74
CA GLN A 32 -23.31 9.60 25.44
C GLN A 32 -22.35 8.45 25.71
N GLY A 33 -21.41 8.23 24.78
CA GLY A 33 -20.50 7.09 24.82
C GLY A 33 -21.04 5.92 24.02
N TRP A 34 -20.27 5.39 23.06
CA TRP A 34 -20.80 4.34 22.21
C TRP A 34 -19.74 3.28 21.92
N THR A 35 -20.22 2.08 21.62
CA THR A 35 -19.38 0.94 21.30
C THR A 35 -19.99 0.19 20.14
N LEU A 36 -19.27 0.12 19.03
CA LEU A 36 -19.71 -0.53 17.81
C LEU A 36 -19.00 -1.88 17.65
N THR A 37 -19.78 -2.93 17.41
CA THR A 37 -19.22 -4.27 17.21
C THR A 37 -19.60 -4.82 15.85
N PHE A 38 -18.67 -5.56 15.25
CA PHE A 38 -18.93 -6.26 14.00
C PHE A 38 -17.87 -7.33 13.82
N SER A 39 -18.10 -8.22 12.84
CA SER A 39 -17.12 -9.22 12.45
C SER A 39 -16.71 -9.01 10.98
N PHE A 40 -15.40 -9.20 10.69
CA PHE A 40 -14.94 -9.22 9.30
C PHE A 40 -15.29 -10.56 8.65
N PRO A 41 -15.80 -10.57 7.41
CA PRO A 41 -16.10 -11.84 6.74
C PRO A 41 -14.98 -12.47 5.91
N SER A 42 -13.82 -11.79 5.71
CA SER A 42 -12.84 -12.20 4.71
C SER A 42 -11.42 -12.36 5.23
N GLY A 43 -11.20 -12.28 6.54
CA GLY A 43 -9.87 -12.43 7.08
C GLY A 43 -9.12 -11.14 7.30
N GLN A 44 -9.80 -9.99 7.18
CA GLN A 44 -9.18 -8.67 7.25
C GLN A 44 -8.59 -8.41 8.62
N GLN A 45 -7.57 -7.54 8.67
CA GLN A 45 -6.94 -7.19 9.95
C GLN A 45 -6.75 -5.69 10.00
N VAL A 46 -7.23 -5.04 11.06
N VAL A 46 -7.23 -5.08 11.08
CA VAL A 46 -7.12 -3.60 11.17
CA VAL A 46 -7.06 -3.66 11.31
C VAL A 46 -5.70 -3.23 11.61
C VAL A 46 -5.58 -3.34 11.54
N THR A 47 -5.08 -2.31 10.86
CA THR A 47 -3.70 -1.92 11.07
C THR A 47 -3.55 -0.48 11.56
N GLN A 48 -4.60 0.32 11.50
CA GLN A 48 -4.51 1.72 11.89
C GLN A 48 -5.92 2.24 12.10
N ALA A 49 -6.12 3.06 13.14
CA ALA A 49 -7.42 3.61 13.46
C ALA A 49 -7.29 5.09 13.81
N TRP A 50 -8.39 5.82 13.61
CA TRP A 50 -8.47 7.20 13.99
C TRP A 50 -9.90 7.48 14.43
N SER A 51 -10.06 8.55 15.21
CA SER A 51 -11.33 9.03 15.75
C SER A 51 -12.06 7.95 16.56
N SER A 52 -11.30 6.99 17.09
CA SER A 52 -11.85 5.89 17.86
C SER A 52 -10.69 5.08 18.42
N THR A 53 -11.05 4.12 19.27
CA THR A 53 -10.18 3.03 19.71
C THR A 53 -10.76 1.75 19.12
N VAL A 54 -9.95 1.03 18.34
CA VAL A 54 -10.39 -0.18 17.65
C VAL A 54 -9.67 -1.36 18.27
N THR A 55 -10.41 -2.41 18.58
CA THR A 55 -9.88 -3.63 19.17
C THR A 55 -10.33 -4.81 18.30
N GLN A 56 -9.40 -5.71 17.97
CA GLN A 56 -9.74 -6.89 17.19
C GLN A 56 -9.27 -8.14 17.90
N SER A 57 -10.07 -9.20 17.82
CA SER A 57 -9.63 -10.53 18.21
C SER A 57 -10.22 -11.50 17.22
N GLY A 58 -9.38 -12.25 16.53
CA GLY A 58 -9.86 -13.03 15.40
C GLY A 58 -10.62 -12.14 14.43
N SER A 59 -11.83 -12.55 14.06
CA SER A 59 -12.64 -11.78 13.13
C SER A 59 -13.48 -10.70 13.80
N ALA A 60 -13.53 -10.68 15.13
CA ALA A 60 -14.42 -9.78 15.86
C ALA A 60 -13.74 -8.45 16.12
N VAL A 61 -14.49 -7.36 15.90
CA VAL A 61 -13.96 -6.01 16.07
C VAL A 61 -14.85 -5.23 17.02
N THR A 62 -14.22 -4.51 17.96
CA THR A 62 -14.88 -3.57 18.85
C THR A 62 -14.33 -2.17 18.56
N VAL A 63 -15.22 -1.19 18.46
CA VAL A 63 -14.84 0.19 18.17
C VAL A 63 -15.45 1.09 19.25
N GLN A 64 -14.58 1.77 20.01
CA GLN A 64 -14.99 2.68 21.08
C GLN A 64 -14.70 4.12 20.68
N ASN A 65 -15.55 5.04 21.15
CA ASN A 65 -15.44 6.43 20.76
C ASN A 65 -14.15 7.06 21.30
N ALA A 66 -13.68 8.08 20.59
CA ALA A 66 -12.60 8.93 21.07
C ALA A 66 -13.17 9.94 22.05
N PRO A 67 -12.32 10.66 22.79
CA PRO A 67 -12.87 11.61 23.79
C PRO A 67 -13.79 12.68 23.20
N TRP A 68 -13.56 13.08 21.96
N TRP A 68 -13.53 13.13 21.98
CA TRP A 68 -14.20 14.24 21.37
CA TRP A 68 -14.25 14.25 21.40
C TRP A 68 -15.43 13.91 20.51
C TRP A 68 -15.26 13.82 20.34
N ASN A 69 -15.88 12.65 20.51
CA ASN A 69 -16.93 12.24 19.58
C ASN A 69 -17.83 11.13 20.15
N GLY A 70 -18.08 11.16 21.45
CA GLY A 70 -18.92 10.17 22.08
C GLY A 70 -20.36 10.62 22.25
N SER A 71 -20.60 11.91 22.01
CA SER A 71 -21.95 12.47 22.14
C SER A 71 -22.58 12.52 20.76
N ILE A 72 -23.58 11.68 20.54
CA ILE A 72 -24.37 11.69 19.31
C ILE A 72 -25.79 12.12 19.67
N PRO A 73 -26.22 13.32 19.28
CA PRO A 73 -27.63 13.69 19.50
C PRO A 73 -28.54 12.75 18.75
N ALA A 74 -29.79 12.66 19.19
CA ALA A 74 -30.79 11.94 18.42
C ALA A 74 -30.93 12.59 17.04
N GLY A 75 -30.61 11.81 16.00
CA GLY A 75 -30.60 12.28 14.64
C GLY A 75 -29.22 12.60 14.10
N GLY A 76 -28.27 12.90 14.99
CA GLY A 76 -26.92 13.23 14.57
C GLY A 76 -26.08 12.00 14.24
N THR A 77 -24.85 12.27 13.82
CA THR A 77 -23.91 11.22 13.40
C THR A 77 -22.59 11.37 14.14
N ALA A 78 -21.78 10.33 14.05
CA ALA A 78 -20.37 10.36 14.40
C ALA A 78 -19.62 9.57 13.35
N GLN A 79 -18.37 9.96 13.10
CA GLN A 79 -17.51 9.32 12.11
C GLN A 79 -16.23 8.82 12.76
N PHE A 80 -15.81 7.62 12.39
CA PHE A 80 -14.48 7.15 12.69
C PHE A 80 -13.96 6.44 11.44
N GLY A 81 -12.70 6.01 11.49
CA GLY A 81 -12.13 5.31 10.36
C GLY A 81 -11.00 4.40 10.78
N PHE A 82 -10.70 3.43 9.92
CA PHE A 82 -9.51 2.61 10.07
C PHE A 82 -9.02 2.15 8.69
N ASN A 83 -7.74 1.82 8.65
CA ASN A 83 -7.15 1.03 7.56
C ASN A 83 -6.99 -0.44 7.99
N GLY A 84 -7.04 -1.33 7.02
CA GLY A 84 -6.74 -2.72 7.30
C GLY A 84 -6.04 -3.36 6.12
N SER A 85 -5.52 -4.56 6.38
CA SER A 85 -4.99 -5.42 5.34
C SER A 85 -6.05 -6.45 4.91
N TRP A 86 -5.90 -6.94 3.68
CA TRP A 86 -6.80 -7.96 3.15
C TRP A 86 -6.04 -8.74 2.11
N THR A 87 -6.55 -9.95 1.83
N THR A 87 -6.53 -9.95 1.83
CA THR A 87 -6.04 -10.87 0.83
CA THR A 87 -6.04 -10.69 0.68
C THR A 87 -7.24 -11.55 0.16
C THR A 87 -7.19 -11.53 0.15
N GLY A 88 -7.10 -11.87 -1.13
CA GLY A 88 -8.10 -12.67 -1.80
C GLY A 88 -9.39 -11.96 -2.09
N THR A 89 -10.20 -11.72 -1.04
CA THR A 89 -11.44 -10.97 -1.11
C THR A 89 -11.50 -10.02 0.08
N ASN A 90 -12.40 -9.03 -0.02
CA ASN A 90 -12.50 -7.95 0.95
C ASN A 90 -13.97 -7.54 1.13
N ALA A 91 -14.82 -8.49 1.51
CA ALA A 91 -16.23 -8.17 1.70
C ALA A 91 -16.45 -7.31 2.95
N ALA A 92 -17.44 -6.43 2.87
CA ALA A 92 -17.85 -5.62 4.01
C ALA A 92 -18.55 -6.48 5.07
N PRO A 93 -18.54 -6.05 6.33
CA PRO A 93 -19.37 -6.73 7.34
C PRO A 93 -20.84 -6.56 6.99
N THR A 94 -21.64 -7.57 7.33
CA THR A 94 -23.06 -7.60 7.01
C THR A 94 -23.97 -7.29 8.19
N ALA A 95 -23.41 -7.07 9.38
CA ALA A 95 -24.23 -6.78 10.54
C ALA A 95 -23.40 -6.00 11.55
N PHE A 96 -24.03 -5.02 12.19
CA PHE A 96 -23.40 -4.18 13.20
C PHE A 96 -24.35 -4.02 14.38
N SER A 97 -23.76 -3.77 15.54
CA SER A 97 -24.51 -3.50 16.76
C SER A 97 -23.85 -2.33 17.48
N LEU A 98 -24.67 -1.39 17.94
CA LEU A 98 -24.21 -0.20 18.67
C LEU A 98 -24.78 -0.25 20.09
N ASN A 99 -23.90 -0.38 21.08
CA ASN A 99 -24.31 -0.47 22.49
C ASN A 99 -25.38 -1.55 22.67
N GLY A 100 -25.17 -2.69 22.01
CA GLY A 100 -26.08 -3.81 22.06
C GLY A 100 -27.21 -3.79 21.04
N THR A 101 -27.43 -2.67 20.36
CA THR A 101 -28.59 -2.49 19.48
C THR A 101 -28.23 -2.84 18.05
N PRO A 102 -28.89 -3.81 17.43
CA PRO A 102 -28.64 -4.10 16.01
C PRO A 102 -28.93 -2.90 15.12
N CYS A 103 -28.00 -2.62 14.20
CA CYS A 103 -28.09 -1.48 13.29
C CYS A 103 -28.53 -1.91 11.90
N THR A 104 -29.22 -1.01 11.21
CA THR A 104 -29.41 -1.12 9.77
C THR A 104 -28.12 -0.72 9.06
N VAL A 105 -28.11 -0.82 7.73
CA VAL A 105 -26.94 -0.47 6.92
C VAL A 105 -27.42 0.33 5.71
N GLY A 106 -26.85 1.51 5.53
CA GLY A 106 -27.22 2.37 4.42
C GLY A 106 -26.56 1.93 3.13
N ALA B 1 -26.69 19.76 4.62
CA ALA B 1 -25.79 20.63 3.86
C ALA B 1 -25.16 19.86 2.71
N ALA B 2 -25.15 20.47 1.52
CA ALA B 2 -24.43 19.96 0.36
C ALA B 2 -23.40 20.99 -0.09
N GLY B 3 -22.24 20.52 -0.52
CA GLY B 3 -21.18 21.41 -0.93
C GLY B 3 -19.84 20.72 -1.00
N CYS B 4 -18.96 21.30 -1.81
CA CYS B 4 -17.60 20.80 -2.00
C CYS B 4 -16.65 21.97 -2.19
N GLN B 5 -15.38 21.68 -2.01
CA GLN B 5 -14.32 22.65 -2.25
C GLN B 5 -13.21 21.96 -3.03
N VAL B 6 -12.69 22.65 -4.04
CA VAL B 6 -11.62 22.13 -4.89
C VAL B 6 -10.40 23.03 -4.74
N LEU B 7 -9.23 22.42 -4.49
CA LEU B 7 -7.95 23.08 -4.47
C LEU B 7 -7.11 22.57 -5.63
N TRP B 8 -6.49 23.49 -6.36
CA TRP B 8 -5.91 23.23 -7.67
C TRP B 8 -4.47 23.70 -7.62
N GLY B 9 -3.52 22.78 -7.56
CA GLY B 9 -2.10 23.09 -7.40
C GLY B 9 -1.30 22.66 -8.60
N VAL B 10 -0.56 23.60 -9.17
CA VAL B 10 0.00 23.40 -10.50
C VAL B 10 1.50 23.62 -10.46
N ASN B 11 2.27 22.67 -10.96
CA ASN B 11 3.63 23.00 -11.38
C ASN B 11 3.72 22.85 -12.89
N GLN B 12 4.47 23.73 -13.55
CA GLN B 12 4.49 23.73 -15.00
C GLN B 12 5.88 24.03 -15.51
N TRP B 13 6.11 23.62 -16.75
CA TRP B 13 7.38 23.89 -17.43
C TRP B 13 7.01 24.27 -18.87
N ASN B 14 7.99 24.40 -19.75
CA ASN B 14 7.72 25.06 -21.02
C ASN B 14 6.84 24.25 -21.95
N THR B 15 6.80 22.92 -21.81
CA THR B 15 6.01 22.07 -22.70
C THR B 15 4.78 21.41 -22.07
N GLY B 16 4.73 21.28 -20.74
CA GLY B 16 3.61 20.64 -20.08
C GLY B 16 3.32 21.27 -18.72
N PHE B 17 2.31 20.72 -18.06
CA PHE B 17 2.01 21.05 -16.66
C PHE B 17 1.50 19.81 -15.93
N THR B 18 1.59 19.86 -14.60
CA THR B 18 1.01 18.87 -13.71
C THR B 18 0.01 19.57 -12.83
N ALA B 19 -1.18 19.01 -12.70
CA ALA B 19 -2.19 19.53 -11.79
C ALA B 19 -2.41 18.50 -10.68
N ASN B 20 -2.21 18.91 -9.44
CA ASN B 20 -2.52 18.04 -8.32
CA ASN B 20 -2.45 18.09 -8.24
C ASN B 20 -3.73 18.64 -7.59
N VAL B 21 -4.80 17.85 -7.58
CA VAL B 21 -6.15 18.34 -7.27
C VAL B 21 -6.63 17.74 -5.98
N THR B 22 -7.18 18.59 -5.11
CA THR B 22 -7.74 18.16 -3.84
C THR B 22 -9.23 18.44 -3.87
N VAL B 23 -10.03 17.42 -3.64
CA VAL B 23 -11.47 17.53 -3.63
C VAL B 23 -11.90 17.35 -2.18
N GLN B 24 -12.52 18.37 -1.60
N GLN B 24 -12.43 18.39 -1.56
CA GLN B 24 -12.88 18.40 -0.19
CA GLN B 24 -12.87 18.30 -0.17
C GLN B 24 -14.39 18.31 -0.05
C GLN B 24 -14.37 18.24 -0.11
N ASN B 25 -14.87 17.29 0.66
CA ASN B 25 -16.30 17.10 0.94
C ASN B 25 -16.64 18.01 2.11
N THR B 26 -17.25 19.15 1.83
CA THR B 26 -17.60 20.09 2.90
C THR B 26 -19.01 19.90 3.38
N SER B 27 -19.73 18.93 2.84
CA SER B 27 -21.12 18.69 3.22
C SER B 27 -21.16 17.88 4.52
N SER B 28 -22.37 17.60 4.98
CA SER B 28 -22.59 16.86 6.21
C SER B 28 -22.69 15.35 6.01
N ALA B 29 -22.72 14.89 4.76
CA ALA B 29 -22.88 13.49 4.38
C ALA B 29 -21.62 12.97 3.69
N PRO B 30 -21.20 11.74 3.97
CA PRO B 30 -20.08 11.16 3.23
C PRO B 30 -20.44 10.94 1.76
N VAL B 31 -19.38 10.79 0.95
CA VAL B 31 -19.49 10.53 -0.48
C VAL B 31 -18.94 9.13 -0.74
N GLN B 32 -19.63 8.36 -1.59
CA GLN B 32 -19.10 7.09 -2.08
C GLN B 32 -19.23 7.06 -3.60
N GLY B 33 -18.12 7.27 -4.30
CA GLY B 33 -18.13 7.35 -5.76
C GLY B 33 -18.40 8.77 -6.22
N TRP B 34 -17.60 9.31 -7.14
CA TRP B 34 -17.83 10.70 -7.53
C TRP B 34 -17.36 10.98 -8.95
N THR B 35 -17.91 12.06 -9.51
CA THR B 35 -17.59 12.57 -10.83
C THR B 35 -17.39 14.07 -10.70
N LEU B 36 -16.16 14.54 -10.97
CA LEU B 36 -15.84 15.96 -10.99
C LEU B 36 -15.81 16.44 -12.43
N THR B 37 -16.47 17.56 -12.69
CA THR B 37 -16.42 18.17 -14.00
C THR B 37 -15.91 19.59 -13.89
N PHE B 38 -15.21 20.05 -14.93
CA PHE B 38 -14.79 21.43 -15.11
C PHE B 38 -14.48 21.62 -16.58
N SER B 39 -14.26 22.88 -16.97
CA SER B 39 -13.82 23.26 -18.30
C SER B 39 -12.47 23.95 -18.22
N PHE B 40 -11.58 23.62 -19.15
CA PHE B 40 -10.34 24.36 -19.28
C PHE B 40 -10.58 25.74 -19.88
N PRO B 41 -9.92 26.78 -19.37
CA PRO B 41 -10.13 28.10 -19.95
C PRO B 41 -9.15 28.49 -21.07
N SER B 42 -8.02 27.80 -21.26
CA SER B 42 -6.98 28.29 -22.14
C SER B 42 -6.60 27.32 -23.26
N GLY B 43 -7.44 26.33 -23.56
CA GLY B 43 -7.12 25.32 -24.56
C GLY B 43 -6.24 24.16 -24.12
N GLN B 44 -6.08 23.92 -22.80
CA GLN B 44 -5.26 22.81 -22.30
C GLN B 44 -5.87 21.45 -22.64
N GLN B 45 -5.01 20.42 -22.74
CA GLN B 45 -5.47 19.03 -22.90
C GLN B 45 -4.84 18.10 -21.86
N VAL B 46 -5.68 17.29 -21.22
CA VAL B 46 -5.21 16.25 -20.32
C VAL B 46 -4.44 15.21 -21.12
N THR B 47 -3.25 14.84 -20.67
CA THR B 47 -2.54 13.76 -21.37
C THR B 47 -2.61 12.43 -20.60
N GLN B 48 -2.21 12.39 -19.33
CA GLN B 48 -2.49 11.21 -18.51
C GLN B 48 -2.87 11.63 -17.10
N ALA B 49 -3.56 10.73 -16.41
CA ALA B 49 -4.16 11.01 -15.12
C ALA B 49 -3.94 9.83 -14.19
N TRP B 50 -3.92 10.11 -12.89
CA TRP B 50 -3.76 9.05 -11.89
C TRP B 50 -4.78 9.24 -10.78
N SER B 51 -5.05 8.14 -10.07
CA SER B 51 -6.07 8.10 -9.03
C SER B 51 -7.43 8.56 -9.56
N SER B 52 -7.69 8.28 -10.84
CA SER B 52 -8.92 8.69 -11.51
C SER B 52 -8.92 8.20 -12.95
N THR B 53 -10.10 8.26 -13.55
CA THR B 53 -10.28 8.10 -14.98
C THR B 53 -10.80 9.43 -15.50
N VAL B 54 -10.11 9.99 -16.51
CA VAL B 54 -10.38 11.34 -17.02
C VAL B 54 -10.72 11.25 -18.50
N THR B 55 -11.85 11.83 -18.91
CA THR B 55 -12.13 11.94 -20.33
C THR B 55 -12.33 13.41 -20.70
N GLN B 56 -12.01 13.75 -21.94
CA GLN B 56 -12.07 15.16 -22.35
C GLN B 56 -12.65 15.27 -23.74
N SER B 57 -13.59 16.19 -23.89
CA SER B 57 -14.22 16.45 -25.18
C SER B 57 -14.27 17.95 -25.30
N GLY B 58 -13.53 18.50 -26.25
CA GLY B 58 -13.38 19.96 -26.28
C GLY B 58 -12.65 20.47 -25.06
N SER B 59 -13.13 21.58 -24.50
CA SER B 59 -12.64 22.08 -23.22
C SER B 59 -13.29 21.42 -22.00
N ALA B 60 -14.25 20.50 -22.19
CA ALA B 60 -15.00 19.87 -21.10
C ALA B 60 -14.26 18.65 -20.56
N VAL B 61 -13.96 18.64 -19.25
CA VAL B 61 -13.29 17.53 -18.58
C VAL B 61 -14.24 16.87 -17.57
N THR B 62 -14.24 15.53 -17.54
CA THR B 62 -14.94 14.78 -16.49
C THR B 62 -13.96 13.81 -15.85
N VAL B 63 -13.97 13.78 -14.52
CA VAL B 63 -13.04 12.99 -13.71
C VAL B 63 -13.87 12.07 -12.81
N GLN B 64 -13.54 10.77 -12.82
CA GLN B 64 -14.19 9.82 -11.93
C GLN B 64 -13.14 9.14 -11.06
N ASN B 65 -13.55 8.80 -9.84
CA ASN B 65 -12.60 8.29 -8.84
C ASN B 65 -11.98 6.96 -9.26
N ALA B 66 -10.87 6.63 -8.57
CA ALA B 66 -10.20 5.35 -8.68
C ALA B 66 -10.67 4.44 -7.54
N PRO B 67 -10.24 3.18 -7.46
CA PRO B 67 -10.76 2.32 -6.38
C PRO B 67 -10.38 2.84 -5.00
N TRP B 68 -9.26 3.56 -4.88
CA TRP B 68 -8.72 3.97 -3.59
C TRP B 68 -9.09 5.38 -3.18
N ASN B 69 -10.04 6.05 -3.88
CA ASN B 69 -10.38 7.40 -3.45
C ASN B 69 -11.81 7.75 -3.81
N GLY B 70 -12.69 6.75 -3.90
CA GLY B 70 -14.09 7.05 -4.06
C GLY B 70 -14.78 7.45 -2.78
N SER B 71 -14.21 7.12 -1.62
CA SER B 71 -14.86 7.38 -0.34
C SER B 71 -14.26 8.63 0.28
N ILE B 72 -15.10 9.65 0.45
CA ILE B 72 -14.66 10.91 1.07
C ILE B 72 -15.52 11.14 2.31
N PRO B 73 -14.95 11.06 3.51
CA PRO B 73 -15.73 11.41 4.71
C PRO B 73 -16.26 12.83 4.63
N ALA B 74 -17.38 13.05 5.31
CA ALA B 74 -17.86 14.41 5.51
C ALA B 74 -16.74 15.20 6.17
N GLY B 75 -16.35 16.30 5.52
CA GLY B 75 -15.19 17.06 5.94
C GLY B 75 -13.87 16.60 5.35
N GLY B 76 -13.83 15.41 4.75
CA GLY B 76 -12.59 14.84 4.25
C GLY B 76 -12.25 15.25 2.83
N THR B 77 -11.19 14.63 2.31
CA THR B 77 -10.65 14.98 0.99
C THR B 77 -10.30 13.72 0.22
N ALA B 78 -10.32 13.83 -1.10
CA ALA B 78 -9.65 12.89 -1.99
C ALA B 78 -8.69 13.68 -2.87
N GLN B 79 -7.70 13.01 -3.46
CA GLN B 79 -6.70 13.62 -4.32
C GLN B 79 -6.57 12.86 -5.62
N PHE B 80 -6.31 13.58 -6.70
CA PHE B 80 -5.94 12.97 -7.96
C PHE B 80 -5.00 13.95 -8.65
N GLY B 81 -4.32 13.45 -9.70
CA GLY B 81 -3.34 14.30 -10.36
C GLY B 81 -3.27 13.93 -11.82
N PHE B 82 -2.81 14.86 -12.64
CA PHE B 82 -2.69 14.53 -14.05
C PHE B 82 -1.67 15.45 -14.69
N ASN B 83 -1.10 14.98 -15.77
CA ASN B 83 -0.25 15.80 -16.61
C ASN B 83 -1.07 16.32 -17.80
N GLY B 84 -0.65 17.45 -18.35
CA GLY B 84 -1.38 18.05 -19.45
C GLY B 84 -0.49 18.89 -20.34
N SER B 85 -1.02 19.26 -21.49
CA SER B 85 -0.32 20.19 -22.36
C SER B 85 -1.00 21.55 -22.29
N TRP B 86 -0.23 22.59 -22.53
CA TRP B 86 -0.79 23.94 -22.58
C TRP B 86 -0.18 24.67 -23.75
N THR B 87 -0.94 25.59 -24.35
CA THR B 87 -0.43 26.43 -25.43
C THR B 87 -0.62 27.89 -25.10
N GLY B 88 0.45 28.67 -25.17
CA GLY B 88 0.36 30.10 -24.96
C GLY B 88 0.09 30.54 -23.53
N THR B 89 -0.92 29.98 -22.88
CA THR B 89 -1.21 30.36 -21.51
C THR B 89 -1.88 29.18 -20.82
N ASN B 90 -1.78 29.15 -19.50
CA ASN B 90 -2.22 28.03 -18.70
C ASN B 90 -3.01 28.56 -17.50
N ALA B 91 -4.20 29.11 -17.74
CA ALA B 91 -5.01 29.57 -16.63
C ALA B 91 -5.79 28.43 -15.97
N ALA B 92 -6.04 28.59 -14.66
CA ALA B 92 -6.75 27.64 -13.82
C ALA B 92 -8.26 27.72 -14.07
N PRO B 93 -8.98 26.59 -14.02
N PRO B 93 -8.95 26.57 -14.05
CA PRO B 93 -10.44 26.67 -13.97
CA PRO B 93 -10.28 26.48 -14.65
C PRO B 93 -10.89 27.36 -12.70
C PRO B 93 -11.31 27.38 -14.00
N THR B 94 -11.99 28.12 -12.80
N THR B 94 -12.36 27.65 -14.78
CA THR B 94 -12.63 28.80 -11.68
CA THR B 94 -13.50 28.49 -14.44
C THR B 94 -13.98 28.18 -11.30
C THR B 94 -14.15 28.10 -13.12
N ALA B 95 -14.41 27.14 -12.02
N ALA B 95 -14.81 26.95 -13.09
CA ALA B 95 -15.68 26.46 -11.77
CA ALA B 95 -15.49 26.42 -11.90
C ALA B 95 -15.45 24.97 -11.87
C ALA B 95 -15.32 24.90 -11.89
N PHE B 96 -15.78 24.26 -10.81
CA PHE B 96 -15.85 22.79 -10.75
C PHE B 96 -17.16 22.36 -10.12
N SER B 97 -17.63 21.16 -10.46
CA SER B 97 -18.82 20.58 -9.85
C SER B 97 -18.57 19.12 -9.47
N LEU B 98 -18.96 18.74 -8.25
CA LEU B 98 -18.80 17.38 -7.72
C LEU B 98 -20.18 16.74 -7.55
N ASN B 99 -20.43 15.66 -8.29
CA ASN B 99 -21.74 14.98 -8.29
C ASN B 99 -22.88 15.98 -8.44
N GLY B 100 -22.69 16.98 -9.29
CA GLY B 100 -23.70 17.98 -9.54
C GLY B 100 -23.71 19.17 -8.59
N THR B 101 -22.96 19.12 -7.51
CA THR B 101 -22.90 20.29 -6.63
C THR B 101 -21.76 21.21 -7.07
N PRO B 102 -22.01 22.52 -7.25
CA PRO B 102 -20.91 23.46 -7.50
C PRO B 102 -20.03 23.63 -6.29
N CYS B 103 -18.72 23.56 -6.51
CA CYS B 103 -17.75 23.73 -5.43
C CYS B 103 -17.20 25.16 -5.40
N THR B 104 -16.61 25.50 -4.25
CA THR B 104 -15.78 26.70 -4.15
C THR B 104 -14.37 26.29 -4.55
N VAL B 105 -13.64 27.23 -5.12
CA VAL B 105 -12.39 26.95 -5.82
C VAL B 105 -11.23 27.59 -5.06
N GLY B 106 -10.09 26.90 -5.05
CA GLY B 106 -8.84 27.41 -4.53
C GLY B 106 -7.69 26.61 -5.11
N GLY C 3 21.65 -1.48 -30.51
CA GLY C 3 20.21 -1.46 -30.33
C GLY C 3 19.62 -2.13 -29.09
N CYS C 4 18.66 -1.46 -28.46
CA CYS C 4 17.96 -1.96 -27.29
C CYS C 4 16.56 -1.40 -27.30
N GLN C 5 15.63 -2.16 -26.75
CA GLN C 5 14.28 -1.67 -26.53
C GLN C 5 13.83 -2.07 -25.12
N VAL C 6 13.09 -1.18 -24.46
CA VAL C 6 12.61 -1.42 -23.11
C VAL C 6 11.10 -1.58 -23.15
N LEU C 7 10.59 -2.59 -22.45
CA LEU C 7 9.16 -2.69 -22.15
C LEU C 7 8.97 -2.39 -20.68
N TRP C 8 8.00 -1.52 -20.37
CA TRP C 8 7.85 -0.92 -19.05
C TRP C 8 6.46 -1.29 -18.55
N GLY C 9 6.30 -2.46 -17.91
CA GLY C 9 5.00 -2.87 -17.39
C GLY C 9 4.74 -2.28 -16.01
N VAL C 10 3.48 -1.95 -15.73
CA VAL C 10 3.19 -1.23 -14.50
C VAL C 10 1.97 -1.83 -13.83
N ASN C 11 2.08 -2.06 -12.53
CA ASN C 11 0.96 -2.29 -11.64
C ASN C 11 0.91 -1.08 -10.71
N GLN C 12 -0.31 -0.58 -10.49
CA GLN C 12 -0.53 0.74 -9.91
C GLN C 12 -1.48 0.62 -8.74
N TRP C 13 -1.13 1.19 -7.60
CA TRP C 13 -2.09 1.30 -6.49
C TRP C 13 -1.87 2.68 -5.86
N ASN C 14 -2.38 2.88 -4.65
CA ASN C 14 -2.65 4.23 -4.18
C ASN C 14 -1.38 4.98 -3.83
N THR C 15 -0.44 4.35 -3.12
CA THR C 15 0.83 5.00 -2.78
C THR C 15 2.04 4.28 -3.35
N GLY C 16 1.86 3.13 -4.00
CA GLY C 16 2.96 2.39 -4.58
C GLY C 16 2.66 1.96 -6.00
N PHE C 17 3.67 1.34 -6.62
CA PHE C 17 3.56 0.77 -7.95
C PHE C 17 4.66 -0.27 -8.09
N THR C 18 4.49 -1.14 -9.07
CA THR C 18 5.51 -2.07 -9.53
C THR C 18 5.88 -1.75 -10.97
N ALA C 19 7.17 -1.71 -11.25
CA ALA C 19 7.65 -1.67 -12.62
C ALA C 19 8.22 -3.05 -12.93
N ASN C 20 7.60 -3.73 -13.90
CA ASN C 20 8.09 -4.99 -14.44
C ASN C 20 8.70 -4.68 -15.80
N VAL C 21 10.01 -4.82 -15.91
CA VAL C 21 10.75 -4.25 -17.00
C VAL C 21 11.34 -5.36 -17.84
N THR C 22 11.31 -5.17 -19.15
CA THR C 22 11.93 -6.07 -20.11
C THR C 22 12.95 -5.29 -20.90
N VAL C 23 14.17 -5.83 -20.98
CA VAL C 23 15.25 -5.22 -21.73
C VAL C 23 15.49 -6.12 -22.93
N GLN C 24 15.15 -5.64 -24.12
CA GLN C 24 15.32 -6.40 -25.36
C GLN C 24 16.62 -5.98 -26.06
N ASN C 25 17.41 -6.97 -26.47
CA ASN C 25 18.61 -6.72 -27.28
C ASN C 25 18.22 -6.82 -28.75
N THR C 26 17.95 -5.68 -29.38
CA THR C 26 17.53 -5.65 -30.78
C THR C 26 18.71 -5.53 -31.73
N SER C 27 19.93 -5.72 -31.26
CA SER C 27 21.09 -5.68 -32.12
C SER C 27 21.45 -7.10 -32.54
N SER C 28 22.49 -7.20 -33.39
CA SER C 28 22.96 -8.48 -33.89
C SER C 28 24.12 -9.04 -33.08
N ALA C 29 24.46 -8.41 -31.97
CA ALA C 29 25.56 -8.85 -31.12
C ALA C 29 25.08 -9.03 -29.69
N PRO C 30 25.54 -10.07 -28.99
CA PRO C 30 25.07 -10.31 -27.62
C PRO C 30 25.75 -9.40 -26.61
N VAL C 31 24.95 -8.88 -25.67
CA VAL C 31 25.48 -8.09 -24.57
C VAL C 31 25.85 -9.03 -23.43
N GLN C 32 27.00 -8.75 -22.80
CA GLN C 32 27.46 -9.47 -21.61
C GLN C 32 27.75 -8.43 -20.53
N GLY C 33 26.83 -8.33 -19.56
CA GLY C 33 26.93 -7.36 -18.50
C GLY C 33 26.31 -6.04 -18.92
N TRP C 34 25.42 -5.48 -18.11
CA TRP C 34 24.72 -4.30 -18.59
C TRP C 34 24.26 -3.43 -17.44
N THR C 35 24.09 -2.15 -17.77
CA THR C 35 23.58 -1.16 -16.84
C THR C 35 22.53 -0.35 -17.58
N LEU C 36 21.32 -0.31 -17.04
CA LEU C 36 20.24 0.48 -17.59
C LEU C 36 20.13 1.78 -16.82
N THR C 37 19.99 2.90 -17.54
CA THR C 37 19.82 4.17 -16.85
C THR C 37 18.53 4.83 -17.33
N PHE C 38 17.93 5.63 -16.44
CA PHE C 38 16.71 6.38 -16.72
C PHE C 38 16.47 7.33 -15.57
N SER C 39 15.56 8.29 -15.77
CA SER C 39 15.15 9.20 -14.71
C SER C 39 13.64 9.16 -14.50
N PHE C 40 13.23 9.07 -13.23
CA PHE C 40 11.82 9.23 -12.87
C PHE C 40 11.37 10.66 -13.17
N PRO C 41 10.20 10.85 -13.80
CA PRO C 41 9.71 12.22 -14.03
C PRO C 41 8.83 12.80 -12.94
N SER C 42 8.41 12.03 -11.93
CA SER C 42 7.28 12.41 -11.06
C SER C 42 7.61 12.43 -9.57
N GLY C 43 8.88 12.23 -9.21
CA GLY C 43 9.29 12.18 -7.82
C GLY C 43 9.27 10.80 -7.17
N GLN C 44 9.16 9.74 -7.96
CA GLN C 44 9.05 8.40 -7.40
C GLN C 44 10.34 7.97 -6.72
N GLN C 45 10.21 7.02 -5.80
CA GLN C 45 11.37 6.48 -5.10
C GLN C 45 11.29 4.95 -5.10
N VAL C 46 12.39 4.29 -5.49
CA VAL C 46 12.48 2.83 -5.41
C VAL C 46 12.47 2.39 -3.95
N THR C 47 11.70 1.35 -3.65
CA THR C 47 11.59 0.81 -2.31
C THR C 47 11.98 -0.65 -2.19
N GLN C 48 12.01 -1.39 -3.29
CA GLN C 48 12.35 -2.82 -3.32
C GLN C 48 12.76 -3.20 -4.75
N ALA C 49 13.71 -4.14 -4.90
CA ALA C 49 14.08 -4.54 -6.26
C ALA C 49 14.37 -6.04 -6.33
N TRP C 50 14.30 -6.62 -7.54
CA TRP C 50 14.62 -8.03 -7.76
C TRP C 50 15.32 -8.21 -9.10
N SER C 51 16.10 -9.29 -9.21
CA SER C 51 16.84 -9.66 -10.44
C SER C 51 17.76 -8.56 -10.95
N SER C 52 18.27 -7.73 -10.07
CA SER C 52 19.10 -6.60 -10.47
C SER C 52 19.55 -5.91 -9.18
N THR C 53 20.48 -4.98 -9.33
CA THR C 53 20.87 -4.04 -8.27
C THR C 53 20.45 -2.67 -8.75
N VAL C 54 19.44 -2.11 -8.09
CA VAL C 54 18.92 -0.79 -8.43
C VAL C 54 19.52 0.26 -7.47
N THR C 55 20.01 1.36 -8.01
CA THR C 55 20.58 2.45 -7.21
C THR C 55 19.87 3.73 -7.57
N GLN C 56 19.55 4.56 -6.59
CA GLN C 56 18.87 5.82 -6.89
C GLN C 56 19.51 7.01 -6.20
N SER C 57 19.59 8.12 -6.94
CA SER C 57 20.04 9.41 -6.43
C SER C 57 19.18 10.50 -7.06
N GLY C 58 18.40 11.21 -6.25
CA GLY C 58 17.41 12.09 -6.85
C GLY C 58 16.53 11.33 -7.81
N SER C 59 16.30 11.90 -8.98
CA SER C 59 15.48 11.27 -10.00
CA SER C 59 15.48 11.26 -9.99
C SER C 59 16.23 10.19 -10.78
N ALA C 60 17.55 10.14 -10.70
CA ALA C 60 18.34 9.25 -11.55
C ALA C 60 18.39 7.84 -10.97
N VAL C 61 18.17 6.82 -11.81
CA VAL C 61 18.23 5.42 -11.42
C VAL C 61 19.22 4.68 -12.31
N THR C 62 20.07 3.84 -11.72
CA THR C 62 20.84 2.86 -12.48
C THR C 62 20.39 1.45 -12.08
N VAL C 63 20.26 0.58 -13.07
CA VAL C 63 19.91 -0.82 -12.86
C VAL C 63 21.08 -1.66 -13.38
N GLN C 64 21.76 -2.36 -12.49
CA GLN C 64 22.82 -3.26 -12.93
C GLN C 64 22.35 -4.71 -12.90
N ASN C 65 22.85 -5.50 -13.84
CA ASN C 65 22.31 -6.85 -13.99
C ASN C 65 22.71 -7.71 -12.81
N ALA C 66 21.87 -8.66 -12.50
CA ALA C 66 22.14 -9.69 -11.50
C ALA C 66 23.07 -10.74 -12.08
N PRO C 67 23.68 -11.58 -11.23
CA PRO C 67 24.61 -12.58 -11.77
C PRO C 67 24.00 -13.49 -12.83
N TRP C 68 22.68 -13.69 -12.83
CA TRP C 68 22.07 -14.68 -13.71
C TRP C 68 21.46 -14.10 -14.98
N ASN C 69 21.34 -12.78 -15.14
CA ASN C 69 20.75 -12.25 -16.36
C ASN C 69 21.64 -11.22 -17.04
N GLY C 70 22.95 -11.36 -16.91
CA GLY C 70 23.84 -10.44 -17.58
C GLY C 70 24.01 -10.73 -19.04
N SER C 71 23.82 -11.98 -19.45
CA SER C 71 23.91 -12.36 -20.85
C SER C 71 22.55 -12.16 -21.50
N ILE C 72 22.52 -11.33 -22.53
CA ILE C 72 21.33 -11.15 -23.34
C ILE C 72 21.74 -11.49 -24.77
N PRO C 73 21.30 -12.62 -25.30
CA PRO C 73 21.63 -12.96 -26.69
C PRO C 73 21.08 -11.90 -27.64
N ALA C 74 21.62 -11.90 -28.86
CA ALA C 74 21.05 -11.05 -29.90
C ALA C 74 19.61 -11.47 -30.13
N GLY C 75 18.69 -10.51 -30.04
CA GLY C 75 17.29 -10.85 -30.15
C GLY C 75 16.65 -11.38 -28.89
N GLY C 76 17.41 -11.55 -27.79
CA GLY C 76 16.88 -12.02 -26.54
C GLY C 76 16.43 -10.88 -25.65
N THR C 77 16.10 -11.24 -24.40
CA THR C 77 15.67 -10.30 -23.37
C THR C 77 16.24 -10.69 -22.01
N ALA C 78 16.28 -9.70 -21.11
CA ALA C 78 16.45 -9.88 -19.67
C ALA C 78 15.30 -9.18 -18.95
N GLN C 79 14.90 -9.72 -17.81
CA GLN C 79 13.77 -9.23 -17.01
C GLN C 79 14.27 -8.79 -15.64
N PHE C 80 13.72 -7.69 -15.14
CA PHE C 80 13.88 -7.36 -13.73
C PHE C 80 12.68 -6.51 -13.34
N GLY C 81 12.54 -6.24 -12.04
CA GLY C 81 11.55 -5.26 -11.63
C GLY C 81 11.89 -4.58 -10.32
N PHE C 82 10.98 -3.69 -9.91
CA PHE C 82 11.11 -3.04 -8.61
C PHE C 82 9.75 -2.47 -8.23
N ASN C 83 9.57 -2.33 -6.91
CA ASN C 83 8.48 -1.55 -6.35
C ASN C 83 9.00 -0.15 -6.06
N GLY C 84 8.09 0.82 -6.09
CA GLY C 84 8.45 2.18 -5.77
C GLY C 84 7.26 2.83 -5.10
N SER C 85 7.49 4.01 -4.54
CA SER C 85 6.39 4.81 -4.03
C SER C 85 6.24 6.05 -4.90
N TRP C 86 5.07 6.68 -4.83
CA TRP C 86 4.74 7.81 -5.70
C TRP C 86 3.65 8.63 -5.01
N THR C 87 3.50 9.88 -5.44
CA THR C 87 2.35 10.67 -5.04
CA THR C 87 2.39 10.73 -5.01
C THR C 87 2.02 11.65 -6.15
N GLY C 88 0.73 12.02 -6.22
CA GLY C 88 0.28 12.99 -7.20
C GLY C 88 0.11 12.43 -8.60
N THR C 89 1.23 12.19 -9.28
CA THR C 89 1.21 11.59 -10.61
C THR C 89 2.30 10.53 -10.60
N ASN C 90 2.28 9.66 -11.60
CA ASN C 90 3.20 8.53 -11.61
C ASN C 90 3.59 8.21 -13.05
N ALA C 91 4.19 9.16 -13.77
CA ALA C 91 4.54 8.96 -15.17
C ALA C 91 5.68 7.96 -15.32
N ALA C 92 5.66 7.23 -16.40
CA ALA C 92 6.76 6.34 -16.76
C ALA C 92 7.91 7.17 -17.30
N PRO C 93 9.15 6.67 -17.20
CA PRO C 93 10.26 7.40 -17.80
C PRO C 93 10.13 7.43 -19.32
N THR C 94 10.62 8.49 -19.93
CA THR C 94 10.48 8.72 -21.37
C THR C 94 11.74 8.36 -22.15
N ALA C 95 12.82 7.95 -21.48
CA ALA C 95 14.06 7.64 -22.15
C ALA C 95 14.84 6.63 -21.30
N PHE C 96 15.55 5.75 -21.99
CA PHE C 96 16.39 4.75 -21.34
C PHE C 96 17.63 4.55 -22.17
N SER C 97 18.75 4.25 -21.49
CA SER C 97 19.98 3.86 -22.15
C SER C 97 20.49 2.55 -21.56
N LEU C 98 21.08 1.73 -22.42
CA LEU C 98 21.65 0.45 -22.02
C LEU C 98 23.14 0.48 -22.35
N ASN C 99 23.99 0.46 -21.34
CA ASN C 99 25.43 0.58 -21.58
C ASN C 99 25.73 1.80 -22.44
N GLY C 100 24.99 2.88 -22.21
CA GLY C 100 25.19 4.12 -22.93
C GLY C 100 24.51 4.23 -24.27
N THR C 101 23.80 3.21 -24.73
CA THR C 101 23.10 3.28 -26.01
C THR C 101 21.64 3.64 -25.77
N PRO C 102 21.11 4.70 -26.38
CA PRO C 102 19.67 5.00 -26.23
C PRO C 102 18.79 3.87 -26.74
N CYS C 103 17.73 3.57 -25.97
CA CYS C 103 16.77 2.50 -26.23
C CYS C 103 15.46 3.06 -26.77
N THR C 104 14.81 2.29 -27.64
CA THR C 104 13.42 2.62 -27.90
C THR C 104 12.56 2.01 -26.77
N VAL C 105 11.34 2.51 -26.63
CA VAL C 105 10.38 2.00 -25.65
C VAL C 105 9.25 1.32 -26.41
N GLY C 106 8.93 0.09 -26.02
CA GLY C 106 7.98 -0.71 -26.79
C GLY C 106 6.57 -0.62 -26.27
N ALA D 1 6.27 -18.66 -27.83
CA ALA D 1 5.57 -19.24 -26.68
C ALA D 1 4.43 -18.33 -26.23
N ALA D 2 3.19 -18.78 -26.43
CA ALA D 2 1.99 -18.12 -25.90
C ALA D 2 1.21 -19.15 -25.07
N GLY D 3 0.99 -18.85 -23.79
CA GLY D 3 0.31 -19.77 -22.90
C GLY D 3 0.01 -19.16 -21.55
N CYS D 4 -0.91 -19.80 -20.83
CA CYS D 4 -1.29 -19.37 -19.48
C CYS D 4 -1.74 -20.59 -18.67
N GLN D 5 -1.83 -20.37 -17.36
CA GLN D 5 -2.29 -21.40 -16.44
C GLN D 5 -3.14 -20.75 -15.37
N VAL D 6 -4.25 -21.39 -15.02
CA VAL D 6 -5.19 -20.87 -14.04
C VAL D 6 -5.28 -21.84 -12.88
N LEU D 7 -5.02 -21.35 -11.68
CA LEU D 7 -5.24 -22.12 -10.46
C LEU D 7 -6.45 -21.58 -9.73
N TRP D 8 -7.29 -22.47 -9.22
CA TRP D 8 -8.64 -22.14 -8.81
C TRP D 8 -8.86 -22.76 -7.42
N GLY D 9 -8.70 -21.96 -6.37
CA GLY D 9 -8.83 -22.42 -4.99
C GLY D 9 -10.14 -21.90 -4.40
N VAL D 10 -10.95 -22.82 -3.87
CA VAL D 10 -12.32 -22.53 -3.47
C VAL D 10 -12.47 -22.84 -2.00
N ASN D 11 -13.11 -21.95 -1.25
CA ASN D 11 -13.71 -22.39 0.01
C ASN D 11 -15.21 -22.11 -0.04
N GLN D 12 -16.01 -23.00 0.55
CA GLN D 12 -17.46 -22.85 0.48
C GLN D 12 -18.14 -23.18 1.80
N TRP D 13 -19.38 -22.73 1.88
CA TRP D 13 -20.27 -22.90 3.01
C TRP D 13 -21.67 -23.08 2.43
N ASN D 14 -22.69 -23.18 3.27
CA ASN D 14 -23.97 -23.65 2.75
C ASN D 14 -24.63 -22.69 1.75
N THR D 15 -24.30 -21.40 1.78
CA THR D 15 -25.01 -20.42 0.98
C THR D 15 -24.14 -19.63 0.01
N GLY D 16 -22.83 -19.87 -0.03
CA GLY D 16 -21.99 -19.19 -1.00
C GLY D 16 -20.65 -19.88 -1.16
N PHE D 17 -19.79 -19.29 -1.98
CA PHE D 17 -18.42 -19.74 -2.09
C PHE D 17 -17.52 -18.54 -2.39
N THR D 18 -16.23 -18.77 -2.19
CA THR D 18 -15.18 -17.81 -2.46
C THR D 18 -14.22 -18.52 -3.40
N ALA D 19 -13.95 -17.92 -4.56
CA ALA D 19 -12.93 -18.42 -5.46
C ALA D 19 -11.74 -17.48 -5.41
N ASN D 20 -10.56 -18.02 -5.11
CA ASN D 20 -9.34 -17.27 -5.21
C ASN D 20 -8.53 -17.85 -6.36
N VAL D 21 -8.33 -17.03 -7.39
CA VAL D 21 -7.85 -17.44 -8.70
C VAL D 21 -6.46 -16.85 -8.91
N THR D 22 -5.53 -17.68 -9.37
CA THR D 22 -4.17 -17.30 -9.71
C THR D 22 -4.00 -17.51 -11.20
N VAL D 23 -3.60 -16.47 -11.91
CA VAL D 23 -3.46 -16.48 -13.36
C VAL D 23 -1.97 -16.46 -13.64
N GLN D 24 -1.42 -17.50 -14.25
CA GLN D 24 0.02 -17.50 -14.52
C GLN D 24 0.31 -17.27 -16.00
N ASN D 25 1.22 -16.34 -16.30
CA ASN D 25 1.74 -16.13 -17.66
C ASN D 25 2.85 -17.14 -17.90
N THR D 26 2.55 -18.21 -18.63
CA THR D 26 3.55 -19.20 -18.99
C THR D 26 4.13 -18.95 -20.38
N SER D 27 3.84 -17.81 -20.99
CA SER D 27 4.41 -17.47 -22.28
C SER D 27 5.80 -16.85 -22.08
N SER D 28 6.46 -16.52 -23.19
CA SER D 28 7.78 -15.92 -23.16
C SER D 28 7.75 -14.41 -23.23
N ALA D 29 6.56 -13.79 -23.33
CA ALA D 29 6.33 -12.35 -23.43
C ALA D 29 5.50 -11.86 -22.25
N PRO D 30 5.73 -10.65 -21.76
CA PRO D 30 4.93 -10.16 -20.63
C PRO D 30 3.53 -9.76 -21.07
N VAL D 31 2.64 -9.62 -20.10
CA VAL D 31 1.25 -9.22 -20.32
C VAL D 31 1.05 -7.85 -19.70
N GLN D 32 0.34 -6.98 -20.39
CA GLN D 32 -0.05 -5.68 -19.85
C GLN D 32 -1.52 -5.50 -20.16
N GLY D 33 -2.39 -5.81 -19.20
CA GLY D 33 -3.82 -5.68 -19.44
C GLY D 33 -4.35 -7.04 -19.82
N TRP D 34 -5.39 -7.55 -19.17
CA TRP D 34 -5.86 -8.88 -19.52
C TRP D 34 -7.35 -9.05 -19.29
N THR D 35 -7.91 -10.01 -20.02
CA THR D 35 -9.29 -10.46 -19.89
C THR D 35 -9.26 -11.97 -19.75
N LEU D 36 -9.80 -12.49 -18.65
CA LEU D 36 -9.98 -13.92 -18.42
C LEU D 36 -11.44 -14.29 -18.63
N THR D 37 -11.70 -15.33 -19.43
CA THR D 37 -13.04 -15.83 -19.67
C THR D 37 -13.14 -17.31 -19.28
N PHE D 38 -14.32 -17.68 -18.82
CA PHE D 38 -14.65 -19.06 -18.49
C PHE D 38 -16.17 -19.16 -18.39
N SER D 39 -16.67 -20.39 -18.29
CA SER D 39 -18.08 -20.67 -18.09
C SER D 39 -18.25 -21.44 -16.80
N PHE D 40 -19.23 -21.04 -16.01
CA PHE D 40 -19.64 -21.86 -14.87
C PHE D 40 -20.32 -23.14 -15.37
N PRO D 41 -20.05 -24.29 -14.73
CA PRO D 41 -20.77 -25.51 -15.14
C PRO D 41 -22.06 -25.83 -14.38
N SER D 42 -22.25 -25.26 -13.17
CA SER D 42 -23.35 -25.68 -12.29
C SER D 42 -24.36 -24.57 -12.03
N GLY D 43 -24.38 -23.50 -12.82
CA GLY D 43 -25.28 -22.38 -12.55
C GLY D 43 -24.87 -21.43 -11.44
N GLN D 44 -23.59 -21.36 -11.08
CA GLN D 44 -23.16 -20.34 -10.11
C GLN D 44 -23.33 -18.93 -10.68
N GLN D 45 -23.33 -17.94 -9.78
CA GLN D 45 -23.39 -16.52 -10.11
C GLN D 45 -22.34 -15.79 -9.30
N VAL D 46 -21.55 -14.96 -9.95
CA VAL D 46 -20.64 -14.07 -9.22
C VAL D 46 -21.46 -13.02 -8.45
N THR D 47 -21.12 -12.85 -7.18
CA THR D 47 -21.77 -11.86 -6.31
C THR D 47 -20.95 -10.56 -6.24
N GLN D 48 -19.72 -10.62 -5.72
CA GLN D 48 -18.79 -9.51 -5.74
C GLN D 48 -17.39 -10.02 -6.03
N ALA D 49 -16.57 -9.16 -6.63
CA ALA D 49 -15.22 -9.49 -7.06
C ALA D 49 -14.26 -8.41 -6.58
N TRP D 50 -12.96 -8.75 -6.52
CA TRP D 50 -11.90 -7.85 -6.11
C TRP D 50 -10.69 -8.08 -7.00
N SER D 51 -9.86 -7.05 -7.10
CA SER D 51 -8.71 -7.04 -7.99
C SER D 51 -9.13 -7.37 -9.42
N SER D 52 -10.31 -6.90 -9.79
CA SER D 52 -10.88 -7.23 -11.08
C SER D 52 -12.23 -6.54 -11.19
N THR D 53 -12.74 -6.45 -12.43
CA THR D 53 -14.16 -6.20 -12.68
C THR D 53 -14.70 -7.43 -13.41
N VAL D 54 -15.83 -7.96 -12.93
CA VAL D 54 -16.38 -9.23 -13.44
C VAL D 54 -17.77 -8.96 -13.99
N THR D 55 -18.04 -9.44 -15.20
CA THR D 55 -19.37 -9.38 -15.76
C THR D 55 -19.82 -10.80 -16.10
N GLN D 56 -21.12 -11.05 -16.01
CA GLN D 56 -21.61 -12.40 -16.28
C GLN D 56 -22.88 -12.33 -17.10
N SER D 57 -22.95 -13.17 -18.13
CA SER D 57 -24.12 -13.29 -18.98
C SER D 57 -24.43 -14.77 -19.11
N GLY D 58 -25.48 -15.23 -18.44
CA GLY D 58 -25.69 -16.68 -18.38
C GLY D 58 -24.58 -17.34 -17.58
N SER D 59 -24.04 -18.42 -18.11
CA SER D 59 -22.89 -19.09 -17.49
C SER D 59 -21.55 -18.46 -17.87
N ALA D 60 -21.54 -17.55 -18.84
CA ALA D 60 -20.32 -16.93 -19.38
C ALA D 60 -19.86 -15.79 -18.49
N VAL D 61 -18.61 -15.87 -18.03
CA VAL D 61 -18.02 -14.91 -17.10
C VAL D 61 -16.82 -14.25 -17.77
N THR D 62 -16.73 -12.93 -17.64
CA THR D 62 -15.61 -12.14 -18.14
C THR D 62 -14.98 -11.38 -16.97
N VAL D 63 -13.69 -11.59 -16.75
CA VAL D 63 -12.90 -10.91 -15.70
C VAL D 63 -11.84 -10.00 -16.34
N GLN D 64 -11.79 -8.73 -15.94
CA GLN D 64 -10.72 -7.83 -16.40
C GLN D 64 -9.87 -7.33 -15.23
N ASN D 65 -8.59 -7.06 -15.49
CA ASN D 65 -7.66 -6.78 -14.39
C ASN D 65 -8.04 -5.50 -13.66
N ALA D 66 -7.44 -5.34 -12.48
CA ALA D 66 -7.53 -4.09 -11.71
C ALA D 66 -6.31 -3.23 -12.02
N PRO D 67 -6.19 -2.01 -11.48
CA PRO D 67 -4.96 -1.23 -11.77
C PRO D 67 -3.70 -1.91 -11.27
N TRP D 68 -3.81 -2.71 -10.20
CA TRP D 68 -2.64 -3.25 -9.51
C TRP D 68 -2.25 -4.64 -9.96
N ASN D 69 -2.91 -5.19 -10.99
CA ASN D 69 -2.53 -6.52 -11.45
C ASN D 69 -2.69 -6.72 -12.95
N GLY D 70 -2.70 -5.64 -13.76
CA GLY D 70 -2.68 -5.83 -15.19
C GLY D 70 -1.36 -6.34 -15.74
N SER D 71 -0.26 -6.14 -15.01
CA SER D 71 1.06 -6.45 -15.53
C SER D 71 1.46 -7.82 -15.00
N ILE D 72 1.65 -8.78 -15.90
CA ILE D 72 2.09 -10.10 -15.49
C ILE D 72 3.36 -10.41 -16.25
N PRO D 73 4.52 -10.41 -15.58
CA PRO D 73 5.75 -10.77 -16.26
C PRO D 73 5.65 -12.18 -16.85
N ALA D 74 6.47 -12.43 -17.87
CA ALA D 74 6.62 -13.77 -18.37
C ALA D 74 7.07 -14.64 -17.22
N GLY D 75 6.30 -15.70 -16.94
CA GLY D 75 6.54 -16.56 -15.80
C GLY D 75 5.88 -16.12 -14.50
N GLY D 76 5.40 -14.88 -14.41
CA GLY D 76 4.78 -14.38 -13.21
C GLY D 76 3.28 -14.65 -13.16
N THR D 77 2.62 -14.09 -12.14
CA THR D 77 1.22 -14.40 -11.89
C THR D 77 0.48 -13.13 -11.50
N ALA D 78 -0.83 -13.17 -11.61
CA ALA D 78 -1.71 -12.17 -11.04
C ALA D 78 -2.77 -12.94 -10.26
N GLN D 79 -3.40 -12.29 -9.28
CA GLN D 79 -4.38 -12.92 -8.42
C GLN D 79 -5.63 -12.06 -8.38
N PHE D 80 -6.79 -12.70 -8.33
CA PHE D 80 -8.02 -12.01 -8.02
C PHE D 80 -8.90 -12.99 -7.26
N GLY D 81 -10.00 -12.48 -6.74
CA GLY D 81 -10.85 -13.27 -5.87
C GLY D 81 -12.26 -12.78 -6.02
N PHE D 82 -13.22 -13.66 -5.76
CA PHE D 82 -14.61 -13.21 -5.82
C PHE D 82 -15.45 -14.17 -4.99
N ASN D 83 -16.62 -13.69 -4.59
CA ASN D 83 -17.64 -14.47 -3.91
C ASN D 83 -18.80 -14.71 -4.86
N GLY D 84 -19.43 -15.86 -4.73
CA GLY D 84 -20.58 -16.14 -5.54
C GLY D 84 -21.55 -17.02 -4.79
N SER D 85 -22.68 -17.28 -5.44
CA SER D 85 -23.70 -18.17 -4.94
C SER D 85 -23.68 -19.43 -5.79
N TRP D 86 -24.07 -20.53 -5.17
CA TRP D 86 -24.22 -21.82 -5.84
C TRP D 86 -25.53 -22.43 -5.42
N THR D 87 -26.14 -23.23 -6.30
CA THR D 87 -27.36 -23.97 -5.94
C THR D 87 -27.17 -25.45 -6.28
N GLY D 88 -27.33 -26.31 -5.28
CA GLY D 88 -27.25 -27.75 -5.52
C GLY D 88 -25.85 -28.32 -5.58
N THR D 89 -25.09 -27.99 -6.62
CA THR D 89 -23.68 -28.36 -6.70
C THR D 89 -22.83 -27.17 -7.15
N ASN D 90 -21.55 -27.24 -6.82
CA ASN D 90 -20.57 -26.18 -7.10
C ASN D 90 -19.36 -26.79 -7.82
N ALA D 91 -19.55 -27.21 -9.06
CA ALA D 91 -18.42 -27.69 -9.85
C ALA D 91 -17.53 -26.54 -10.33
N ALA D 92 -16.22 -26.79 -10.36
CA ALA D 92 -15.26 -25.81 -10.90
C ALA D 92 -15.30 -25.78 -12.43
N PRO D 93 -15.08 -24.62 -13.04
CA PRO D 93 -14.91 -24.59 -14.51
C PRO D 93 -13.71 -25.44 -14.93
N THR D 94 -13.77 -26.00 -16.14
CA THR D 94 -12.66 -26.79 -16.67
C THR D 94 -11.93 -26.13 -17.85
N ALA D 95 -12.35 -24.95 -18.27
CA ALA D 95 -11.69 -24.29 -19.38
C ALA D 95 -11.55 -22.80 -19.05
N PHE D 96 -10.39 -22.21 -19.32
CA PHE D 96 -10.21 -20.77 -19.17
C PHE D 96 -9.38 -20.24 -20.33
N SER D 97 -9.67 -19.00 -20.73
CA SER D 97 -8.85 -18.30 -21.70
C SER D 97 -8.41 -16.93 -21.21
N LEU D 98 -7.13 -16.62 -21.40
CA LEU D 98 -6.57 -15.32 -21.05
C LEU D 98 -6.22 -14.61 -22.34
N ASN D 99 -6.88 -13.47 -22.60
CA ASN D 99 -6.66 -12.75 -23.86
C ASN D 99 -6.78 -13.70 -25.06
N GLY D 100 -7.76 -14.61 -25.01
CA GLY D 100 -8.03 -15.47 -26.14
C GLY D 100 -7.17 -16.72 -26.22
N THR D 101 -6.20 -16.90 -25.34
CA THR D 101 -5.37 -18.09 -25.35
C THR D 101 -5.87 -19.08 -24.32
N PRO D 102 -6.25 -20.32 -24.70
CA PRO D 102 -6.71 -21.31 -23.70
C PRO D 102 -5.60 -21.66 -22.71
N CYS D 103 -5.98 -21.75 -21.43
N CYS D 103 -5.96 -21.71 -21.43
CA CYS D 103 -5.04 -22.03 -20.36
CA CYS D 103 -4.98 -22.00 -20.38
C CYS D 103 -5.13 -23.47 -19.88
C CYS D 103 -5.11 -23.45 -19.91
N THR D 104 -4.01 -23.97 -19.34
CA THR D 104 -4.13 -25.16 -18.54
C THR D 104 -4.79 -24.76 -17.21
N VAL D 105 -5.35 -25.74 -16.52
CA VAL D 105 -6.31 -25.51 -15.44
C VAL D 105 -5.92 -26.34 -14.20
N GLY D 106 -5.86 -25.68 -13.04
CA GLY D 106 -5.63 -26.38 -11.78
C GLY D 106 -6.33 -25.74 -10.59
N GLY E 3 -3.72 -46.60 5.30
CA GLY E 3 -3.03 -45.71 6.19
C GLY E 3 -2.83 -44.33 5.57
N CYS E 4 -3.01 -43.31 6.39
CA CYS E 4 -2.72 -41.95 5.97
C CYS E 4 -2.12 -41.22 7.15
N GLN E 5 -1.34 -40.18 6.86
CA GLN E 5 -0.82 -39.30 7.90
C GLN E 5 -0.91 -37.86 7.43
N VAL E 6 -1.13 -36.97 8.38
CA VAL E 6 -1.31 -35.55 8.12
C VAL E 6 -0.21 -34.76 8.81
N LEU E 7 0.44 -33.85 8.07
CA LEU E 7 1.30 -32.82 8.65
C LEU E 7 0.54 -31.51 8.62
N TRP E 8 0.49 -30.84 9.75
CA TRP E 8 -0.27 -29.60 9.91
C TRP E 8 0.73 -28.49 10.19
N GLY E 9 1.16 -27.78 9.13
CA GLY E 9 2.11 -26.68 9.26
C GLY E 9 1.34 -25.38 9.46
N VAL E 10 1.86 -24.53 10.35
N VAL E 10 1.86 -24.51 10.32
CA VAL E 10 1.15 -23.32 10.74
CA VAL E 10 1.12 -23.32 10.73
C VAL E 10 2.04 -22.10 10.53
C VAL E 10 1.98 -22.07 10.62
N ASN E 11 1.46 -21.06 9.92
CA ASN E 11 1.96 -19.69 9.98
C ASN E 11 0.86 -18.88 10.67
N GLN E 12 1.24 -18.00 11.61
CA GLN E 12 0.24 -17.35 12.43
C GLN E 12 0.58 -15.88 12.61
N TRP E 13 -0.44 -15.02 12.50
CA TRP E 13 -0.31 -13.59 12.81
C TRP E 13 -1.41 -13.22 13.80
N ASN E 14 -1.68 -11.93 14.03
CA ASN E 14 -2.45 -11.57 15.23
C ASN E 14 -3.89 -12.04 15.18
N THR E 15 -4.52 -12.03 14.01
CA THR E 15 -5.93 -12.33 13.89
C THR E 15 -6.22 -13.49 12.97
N GLY E 16 -5.20 -14.11 12.38
CA GLY E 16 -5.46 -15.17 11.42
C GLY E 16 -4.26 -16.09 11.33
N PHE E 17 -4.41 -17.10 10.48
CA PHE E 17 -3.35 -18.10 10.34
C PHE E 17 -3.48 -18.75 8.97
N THR E 18 -2.40 -19.44 8.58
CA THR E 18 -2.37 -20.32 7.42
C THR E 18 -2.08 -21.73 7.92
N ALA E 19 -2.86 -22.71 7.47
CA ALA E 19 -2.53 -24.12 7.60
C ALA E 19 -1.95 -24.60 6.28
N ASN E 20 -0.69 -24.99 6.30
CA ASN E 20 -0.05 -25.66 5.17
C ASN E 20 -0.08 -27.15 5.48
N VAL E 21 -0.94 -27.89 4.78
CA VAL E 21 -1.28 -29.27 5.13
C VAL E 21 -0.62 -30.21 4.14
N THR E 22 -0.01 -31.27 4.66
CA THR E 22 0.52 -32.37 3.87
C THR E 22 -0.27 -33.63 4.21
N VAL E 23 -0.78 -34.30 3.19
CA VAL E 23 -1.45 -35.59 3.34
C VAL E 23 -0.52 -36.64 2.76
N GLN E 24 -0.12 -37.58 3.62
CA GLN E 24 0.79 -38.66 3.24
C GLN E 24 0.00 -39.96 3.07
N ASN E 25 0.22 -40.63 1.95
CA ASN E 25 -0.34 -41.95 1.71
C ASN E 25 0.63 -42.96 2.31
N THR E 26 0.38 -43.33 3.57
CA THR E 26 1.19 -44.37 4.23
C THR E 26 0.57 -45.75 4.10
N SER E 27 -0.16 -46.01 3.01
CA SER E 27 -0.69 -47.34 2.71
C SER E 27 0.12 -47.95 1.58
N SER E 28 -0.27 -49.16 1.20
CA SER E 28 0.42 -49.88 0.14
C SER E 28 -0.21 -49.65 -1.24
N ALA E 29 -1.41 -49.07 -1.29
CA ALA E 29 -2.12 -48.85 -2.53
C ALA E 29 -2.24 -47.35 -2.80
N PRO E 30 -2.25 -46.94 -4.07
CA PRO E 30 -2.37 -45.51 -4.38
C PRO E 30 -3.76 -44.99 -4.04
N VAL E 31 -3.81 -43.69 -3.80
CA VAL E 31 -5.05 -42.95 -3.64
C VAL E 31 -5.33 -42.24 -4.96
N GLN E 32 -6.61 -42.19 -5.35
CA GLN E 32 -7.00 -41.48 -6.56
C GLN E 32 -8.30 -40.72 -6.27
N GLY E 33 -8.17 -39.45 -5.89
CA GLY E 33 -9.29 -38.64 -5.44
C GLY E 33 -9.45 -38.74 -3.94
N TRP E 34 -9.48 -37.63 -3.19
CA TRP E 34 -9.62 -37.77 -1.75
C TRP E 34 -10.49 -36.68 -1.16
N THR E 35 -11.11 -37.00 -0.03
CA THR E 35 -11.74 -36.04 0.88
C THR E 35 -11.10 -36.21 2.25
N LEU E 36 -10.59 -35.12 2.80
CA LEU E 36 -10.08 -35.10 4.16
C LEU E 36 -11.09 -34.43 5.07
N THR E 37 -11.36 -35.02 6.23
CA THR E 37 -12.32 -34.49 7.19
C THR E 37 -11.62 -34.22 8.52
N PHE E 38 -12.03 -33.14 9.17
CA PHE E 38 -11.59 -32.82 10.52
C PHE E 38 -12.54 -31.77 11.07
N SER E 39 -12.40 -31.51 12.36
CA SER E 39 -13.16 -30.46 13.02
C SER E 39 -12.18 -29.49 13.67
N PHE E 40 -12.49 -28.20 13.59
CA PHE E 40 -11.69 -27.22 14.31
C PHE E 40 -11.98 -27.30 15.81
N PRO E 41 -10.96 -27.27 16.67
CA PRO E 41 -11.22 -27.31 18.12
C PRO E 41 -11.47 -25.95 18.79
N SER E 42 -11.07 -24.85 18.14
CA SER E 42 -10.99 -23.53 18.79
C SER E 42 -11.90 -22.46 18.18
N GLY E 43 -12.77 -22.79 17.24
CA GLY E 43 -13.65 -21.81 16.65
C GLY E 43 -13.15 -21.14 15.39
N GLN E 44 -12.10 -21.67 14.76
CA GLN E 44 -11.49 -21.07 13.58
C GLN E 44 -12.45 -21.12 12.40
N GLN E 45 -12.23 -20.24 11.42
CA GLN E 45 -13.08 -20.15 10.23
C GLN E 45 -12.23 -19.97 8.98
N VAL E 46 -12.39 -20.87 8.01
CA VAL E 46 -11.67 -20.72 6.76
C VAL E 46 -12.15 -19.47 6.01
N THR E 47 -11.19 -18.65 5.54
CA THR E 47 -11.48 -17.51 4.69
C THR E 47 -10.94 -17.64 3.27
N GLN E 48 -10.04 -18.57 3.00
CA GLN E 48 -9.44 -18.61 1.69
C GLN E 48 -8.70 -19.93 1.58
N ALA E 49 -8.69 -20.52 0.39
CA ALA E 49 -8.06 -21.83 0.26
C ALA E 49 -7.44 -21.93 -1.11
N TRP E 50 -6.46 -22.82 -1.24
CA TRP E 50 -5.81 -23.05 -2.51
C TRP E 50 -5.51 -24.54 -2.63
N SER E 51 -5.42 -25.01 -3.88
CA SER E 51 -5.01 -26.37 -4.22
C SER E 51 -6.03 -27.38 -3.72
N SER E 52 -7.28 -26.95 -3.60
CA SER E 52 -8.30 -27.75 -2.96
C SER E 52 -9.60 -26.97 -3.02
N THR E 53 -10.68 -27.69 -2.74
CA THR E 53 -11.98 -27.13 -2.39
C THR E 53 -12.20 -27.41 -0.90
N VAL E 54 -12.42 -26.36 -0.10
CA VAL E 54 -12.59 -26.51 1.35
C VAL E 54 -14.02 -26.11 1.70
N THR E 55 -14.68 -26.94 2.49
CA THR E 55 -16.03 -26.66 2.97
C THR E 55 -16.04 -26.58 4.50
N GLN E 56 -16.92 -25.74 5.05
CA GLN E 56 -17.07 -25.65 6.50
C GLN E 56 -18.53 -25.49 6.85
N SER E 57 -19.02 -26.28 7.80
CA SER E 57 -20.30 -26.07 8.45
C SER E 57 -20.05 -26.22 9.94
N GLY E 58 -20.19 -25.13 10.68
CA GLY E 58 -19.89 -25.17 12.09
C GLY E 58 -18.40 -25.40 12.23
N SER E 59 -18.02 -26.34 13.07
CA SER E 59 -16.62 -26.69 13.22
C SER E 59 -16.15 -27.73 12.21
N ALA E 60 -17.05 -28.31 11.42
CA ALA E 60 -16.70 -29.45 10.57
C ALA E 60 -16.17 -28.97 9.22
N VAL E 61 -15.03 -29.52 8.81
CA VAL E 61 -14.37 -29.13 7.57
C VAL E 61 -14.18 -30.36 6.70
N THR E 62 -14.40 -30.22 5.40
CA THR E 62 -13.99 -31.22 4.44
C THR E 62 -13.11 -30.55 3.40
N VAL E 63 -12.13 -31.29 2.90
CA VAL E 63 -11.21 -30.79 1.91
C VAL E 63 -11.16 -31.81 0.78
N GLN E 64 -11.32 -31.35 -0.45
CA GLN E 64 -11.23 -32.24 -1.60
C GLN E 64 -10.09 -31.79 -2.49
N ASN E 65 -9.49 -32.75 -3.18
CA ASN E 65 -8.35 -32.44 -4.02
C ASN E 65 -8.73 -31.53 -5.19
N ALA E 66 -7.72 -30.89 -5.76
CA ALA E 66 -7.79 -30.16 -7.00
C ALA E 66 -7.38 -31.08 -8.15
N PRO E 67 -7.57 -30.65 -9.41
CA PRO E 67 -7.30 -31.54 -10.55
C PRO E 67 -5.94 -32.24 -10.60
N TRP E 68 -4.88 -31.64 -10.04
N TRP E 68 -4.95 -31.65 -9.96
CA TRP E 68 -3.53 -32.15 -10.22
CA TRP E 68 -3.55 -32.01 -10.16
C TRP E 68 -2.88 -32.61 -8.92
C TRP E 68 -2.92 -32.67 -8.95
N ASN E 69 -3.67 -32.85 -7.85
CA ASN E 69 -3.10 -33.46 -6.66
C ASN E 69 -4.05 -34.50 -6.06
N GLY E 70 -4.96 -35.04 -6.88
CA GLY E 70 -5.85 -36.09 -6.44
C GLY E 70 -5.20 -37.46 -6.34
N SER E 71 -4.15 -37.70 -7.12
CA SER E 71 -3.48 -38.98 -7.15
C SER E 71 -2.30 -38.94 -6.19
N ILE E 72 -2.31 -39.80 -5.18
CA ILE E 72 -1.19 -39.90 -4.25
C ILE E 72 -0.63 -41.31 -4.34
N PRO E 73 0.53 -41.50 -4.98
CA PRO E 73 1.14 -42.84 -5.02
C PRO E 73 1.36 -43.37 -3.61
N ALA E 74 1.37 -44.70 -3.48
CA ALA E 74 1.75 -45.30 -2.21
C ALA E 74 3.11 -44.76 -1.79
N GLY E 75 3.19 -44.27 -0.55
CA GLY E 75 4.39 -43.61 -0.08
C GLY E 75 4.54 -42.16 -0.49
N GLY E 76 3.59 -41.62 -1.25
CA GLY E 76 3.68 -40.26 -1.73
C GLY E 76 2.89 -39.28 -0.89
N THR E 77 2.78 -38.06 -1.42
CA THR E 77 2.29 -36.92 -0.66
C THR E 77 1.43 -36.04 -1.55
N ALA E 78 0.47 -35.32 -0.94
CA ALA E 78 -0.19 -34.17 -1.58
C ALA E 78 -0.23 -33.00 -0.59
N GLN E 79 -0.21 -31.78 -1.13
CA GLN E 79 -0.24 -30.59 -0.29
C GLN E 79 -1.42 -29.70 -0.66
N PHE E 80 -2.02 -29.07 0.35
CA PHE E 80 -2.96 -27.99 0.14
C PHE E 80 -2.82 -27.02 1.31
N GLY E 81 -3.57 -25.92 1.25
CA GLY E 81 -3.46 -24.89 2.27
C GLY E 81 -4.70 -24.04 2.34
N PHE E 82 -4.85 -23.37 3.48
CA PHE E 82 -5.93 -22.41 3.64
C PHE E 82 -5.56 -21.38 4.72
N ASN E 83 -6.18 -20.22 4.62
CA ASN E 83 -6.15 -19.20 5.65
C ASN E 83 -7.42 -19.26 6.49
N GLY E 84 -7.31 -18.84 7.75
CA GLY E 84 -8.50 -18.68 8.56
C GLY E 84 -8.26 -17.69 9.67
N SER E 85 -9.34 -17.33 10.36
CA SER E 85 -9.28 -16.54 11.58
C SER E 85 -9.18 -17.45 12.80
N TRP E 86 -8.52 -16.95 13.85
CA TRP E 86 -8.49 -17.62 15.14
C TRP E 86 -8.68 -16.57 16.21
N THR E 87 -9.29 -16.97 17.32
CA THR E 87 -9.56 -16.07 18.43
C THR E 87 -9.24 -16.81 19.73
N GLY E 88 -8.43 -16.17 20.58
CA GLY E 88 -8.11 -16.70 21.91
C GLY E 88 -7.04 -17.77 21.90
N THR E 89 -7.32 -18.86 21.19
CA THR E 89 -6.33 -19.91 20.98
C THR E 89 -6.44 -20.44 19.55
N ASN E 90 -5.33 -20.97 19.02
CA ASN E 90 -5.31 -21.54 17.66
C ASN E 90 -4.78 -22.98 17.67
N ALA E 91 -5.48 -23.85 18.40
CA ALA E 91 -5.09 -25.24 18.48
C ALA E 91 -5.31 -25.96 17.16
N ALA E 92 -4.36 -26.83 16.80
CA ALA E 92 -4.51 -27.72 15.66
C ALA E 92 -5.59 -28.77 15.92
N PRO E 93 -6.23 -29.28 14.87
CA PRO E 93 -7.11 -30.43 15.05
C PRO E 93 -6.29 -31.64 15.45
N THR E 94 -6.93 -32.52 16.21
CA THR E 94 -6.27 -33.70 16.73
C THR E 94 -6.69 -34.99 16.02
N ALA E 95 -7.71 -34.95 15.15
CA ALA E 95 -8.14 -36.13 14.43
C ALA E 95 -8.44 -35.77 12.98
N PHE E 96 -7.99 -36.61 12.05
CA PHE E 96 -8.21 -36.46 10.62
C PHE E 96 -8.59 -37.80 10.01
N SER E 97 -9.47 -37.77 9.00
CA SER E 97 -9.75 -38.96 8.20
C SER E 97 -9.64 -38.65 6.71
N LEU E 98 -8.97 -39.54 5.98
CA LEU E 98 -8.85 -39.46 4.52
C LEU E 98 -9.73 -40.54 3.91
N ASN E 99 -10.79 -40.14 3.18
CA ASN E 99 -11.68 -41.11 2.54
C ASN E 99 -12.19 -42.14 3.55
N GLY E 100 -12.47 -41.67 4.76
CA GLY E 100 -13.03 -42.47 5.81
C GLY E 100 -12.04 -43.18 6.71
N THR E 101 -10.73 -43.24 6.33
CA THR E 101 -9.69 -43.91 7.10
C THR E 101 -9.07 -42.95 8.11
N PRO E 102 -9.05 -43.29 9.38
CA PRO E 102 -8.37 -42.41 10.36
C PRO E 102 -6.87 -42.33 10.09
N CYS E 103 -6.35 -41.11 10.12
CA CYS E 103 -4.94 -40.80 9.89
C CYS E 103 -4.22 -40.59 11.21
N THR E 104 -2.93 -40.86 11.21
CA THR E 104 -2.08 -40.37 12.29
C THR E 104 -1.68 -38.93 12.02
N VAL E 105 -1.32 -38.23 13.09
CA VAL E 105 -0.90 -36.84 13.02
C VAL E 105 0.61 -36.79 13.16
N GLY E 106 1.29 -36.26 12.15
CA GLY E 106 2.74 -36.14 12.22
C GLY E 106 3.12 -34.83 12.89
N ALA F 2 8.35 48.87 0.93
CA ALA F 2 8.92 47.66 0.33
C ALA F 2 9.61 46.84 1.40
N GLY F 3 9.43 45.51 1.35
CA GLY F 3 10.04 44.60 2.33
C GLY F 3 9.39 43.22 2.40
N CYS F 4 10.21 42.18 2.50
CA CYS F 4 9.73 40.81 2.52
C CYS F 4 10.81 39.92 3.13
N GLN F 5 10.35 38.80 3.68
CA GLN F 5 11.20 37.78 4.28
C GLN F 5 10.60 36.43 3.94
N VAL F 6 11.47 35.47 3.61
CA VAL F 6 11.06 34.13 3.20
C VAL F 6 11.57 33.15 4.25
N LEU F 7 10.70 32.24 4.67
CA LEU F 7 11.08 31.11 5.52
C LEU F 7 11.02 29.86 4.65
N TRP F 8 12.15 29.17 4.54
CA TRP F 8 12.30 28.01 3.68
C TRP F 8 12.30 26.77 4.58
N GLY F 9 11.12 26.23 4.89
CA GLY F 9 11.05 24.99 5.63
C GLY F 9 11.17 23.77 4.71
N VAL F 10 11.77 22.70 5.23
CA VAL F 10 12.05 21.52 4.40
C VAL F 10 11.78 20.23 5.18
N ASN F 11 11.07 19.31 4.54
CA ASN F 11 11.08 17.88 4.87
C ASN F 11 11.89 17.17 3.81
N GLN F 12 12.82 16.31 4.21
CA GLN F 12 13.71 15.69 3.24
C GLN F 12 13.73 14.17 3.43
N TRP F 13 13.72 13.43 2.31
CA TRP F 13 13.92 11.98 2.37
C TRP F 13 15.03 11.57 1.39
N ASN F 14 15.23 10.28 1.12
CA ASN F 14 16.47 9.87 0.45
C ASN F 14 16.61 10.48 -0.96
N THR F 15 15.51 10.65 -1.70
CA THR F 15 15.60 11.08 -3.09
C THR F 15 14.78 12.32 -3.42
N GLY F 16 14.07 12.91 -2.45
CA GLY F 16 13.16 14.00 -2.71
C GLY F 16 13.04 14.84 -1.46
N PHE F 17 12.20 15.87 -1.55
CA PHE F 17 12.01 16.81 -0.44
C PHE F 17 10.74 17.60 -0.69
N THR F 18 10.23 18.19 0.39
CA THR F 18 9.14 19.15 0.38
C THR F 18 9.69 20.46 0.91
N ALA F 19 9.50 21.55 0.15
CA ALA F 19 9.71 22.91 0.65
C ALA F 19 8.38 23.47 1.13
N ASN F 20 8.30 23.84 2.41
CA ASN F 20 7.14 24.48 3.03
C ASN F 20 7.57 25.93 3.22
N VAL F 21 7.08 26.81 2.34
CA VAL F 21 7.60 28.17 2.22
C VAL F 21 6.59 29.14 2.84
N THR F 22 7.10 30.06 3.67
CA THR F 22 6.34 31.16 4.21
C THR F 22 6.87 32.46 3.62
N VAL F 23 5.97 33.28 3.09
CA VAL F 23 6.27 34.60 2.54
C VAL F 23 5.72 35.63 3.52
N GLN F 24 6.62 36.36 4.20
CA GLN F 24 6.25 37.35 5.19
C GLN F 24 6.31 38.73 4.52
N ASN F 25 5.19 39.45 4.58
CA ASN F 25 5.16 40.83 4.11
C ASN F 25 5.64 41.71 5.26
N THR F 26 6.90 42.12 5.21
CA THR F 26 7.49 42.92 6.28
C THR F 26 7.44 44.40 5.97
N SER F 27 6.84 44.77 4.84
CA SER F 27 6.64 46.18 4.55
C SER F 27 5.48 46.71 5.39
N SER F 28 5.16 47.98 5.18
CA SER F 28 4.05 48.66 5.84
C SER F 28 2.80 48.73 4.98
N ALA F 29 2.88 48.32 3.71
CA ALA F 29 1.79 48.39 2.76
C ALA F 29 1.34 46.99 2.38
N PRO F 30 0.05 46.80 2.09
CA PRO F 30 -0.44 45.45 1.76
C PRO F 30 0.02 45.01 0.39
N VAL F 31 0.20 43.71 0.27
CA VAL F 31 0.48 43.00 -0.99
C VAL F 31 -0.83 42.44 -1.51
N GLN F 32 -1.00 42.46 -2.84
CA GLN F 32 -2.24 42.03 -3.51
C GLN F 32 -1.85 41.34 -4.82
N GLY F 33 -1.67 40.03 -4.76
CA GLY F 33 -1.14 39.30 -5.88
C GLY F 33 0.37 39.33 -5.80
N TRP F 34 1.04 38.18 -5.89
CA TRP F 34 2.48 38.20 -5.73
C TRP F 34 3.09 37.09 -6.57
N THR F 35 4.29 37.36 -7.08
CA THR F 35 5.17 36.37 -7.68
C THR F 35 6.46 36.32 -6.88
N LEU F 36 6.86 35.14 -6.48
CA LEU F 36 8.16 34.95 -5.85
C LEU F 36 9.10 34.31 -6.85
N THR F 37 10.35 34.75 -6.85
CA THR F 37 11.35 34.19 -7.76
C THR F 37 12.58 33.78 -6.99
N PHE F 38 13.24 32.73 -7.48
CA PHE F 38 14.48 32.21 -6.93
C PHE F 38 15.06 31.23 -7.94
N SER F 39 16.29 30.80 -7.68
CA SER F 39 16.98 29.77 -8.46
C SER F 39 17.46 28.68 -7.51
N PHE F 40 17.30 27.41 -7.91
CA PHE F 40 17.88 26.33 -7.15
C PHE F 40 19.38 26.30 -7.38
N PRO F 41 20.17 26.04 -6.36
CA PRO F 41 21.61 26.00 -6.57
C PRO F 41 22.10 24.61 -7.02
N SER F 42 21.36 23.56 -6.68
CA SER F 42 21.88 22.19 -6.66
C SER F 42 21.22 21.23 -7.66
N GLY F 43 20.45 21.73 -8.63
CA GLY F 43 19.83 20.85 -9.60
C GLY F 43 18.46 20.32 -9.23
N GLN F 44 17.87 20.77 -8.14
CA GLN F 44 16.56 20.29 -7.73
C GLN F 44 15.53 20.53 -8.83
N GLN F 45 14.53 19.64 -8.95
CA GLN F 45 13.42 19.81 -9.90
C GLN F 45 12.08 19.66 -9.20
N VAL F 46 11.18 20.62 -9.40
CA VAL F 46 9.84 20.55 -8.81
C VAL F 46 9.05 19.43 -9.48
N THR F 47 8.33 18.63 -8.66
CA THR F 47 7.51 17.56 -9.18
C THR F 47 6.01 17.71 -8.87
N GLN F 48 5.63 18.55 -7.91
CA GLN F 48 4.23 18.73 -7.49
C GLN F 48 4.19 20.00 -6.65
N ALA F 49 3.05 20.69 -6.66
CA ALA F 49 2.91 21.93 -5.92
C ALA F 49 1.47 22.12 -5.42
N TRP F 50 1.30 22.94 -4.38
CA TRP F 50 -0.01 23.25 -3.82
C TRP F 50 -0.05 24.70 -3.37
N SER F 51 -1.26 25.25 -3.27
CA SER F 51 -1.51 26.60 -2.77
C SER F 51 -0.79 27.67 -3.62
N SER F 52 -0.59 27.41 -4.91
CA SER F 52 0.28 28.20 -5.76
C SER F 52 0.33 27.54 -7.13
N THR F 53 0.82 28.29 -8.11
CA THR F 53 1.25 27.80 -9.42
C THR F 53 2.77 28.00 -9.46
N VAL F 54 3.51 26.92 -9.65
CA VAL F 54 4.97 26.92 -9.67
C VAL F 54 5.44 26.66 -11.09
N THR F 55 6.34 27.49 -11.59
CA THR F 55 6.94 27.28 -12.90
C THR F 55 8.43 27.07 -12.73
N GLN F 56 9.01 26.22 -13.57
CA GLN F 56 10.44 26.03 -13.49
C GLN F 56 11.01 26.00 -14.89
N SER F 57 12.20 26.57 -15.03
CA SER F 57 12.81 26.73 -16.33
C SER F 57 14.31 26.67 -16.08
N GLY F 58 14.91 25.50 -16.29
CA GLY F 58 16.26 25.31 -15.77
C GLY F 58 16.24 25.35 -14.25
N SER F 59 17.23 26.03 -13.67
CA SER F 59 17.26 26.26 -12.23
C SER F 59 16.39 27.44 -11.76
N ALA F 60 15.82 28.24 -12.66
CA ALA F 60 14.95 29.37 -12.27
C ALA F 60 13.51 28.91 -11.96
N VAL F 61 12.95 29.45 -10.89
CA VAL F 61 11.60 29.12 -10.44
C VAL F 61 10.81 30.39 -10.21
N THR F 62 9.54 30.37 -10.61
CA THR F 62 8.60 31.42 -10.19
C THR F 62 7.41 30.77 -9.50
N VAL F 63 6.86 31.45 -8.50
CA VAL F 63 5.73 30.97 -7.73
C VAL F 63 4.70 32.09 -7.68
N GLN F 64 3.46 31.80 -8.09
CA GLN F 64 2.38 32.77 -8.00
C GLN F 64 1.30 32.29 -7.05
N ASN F 65 0.59 33.24 -6.45
CA ASN F 65 -0.38 32.90 -5.41
C ASN F 65 -1.52 32.10 -6.02
N ALA F 66 -2.16 31.32 -5.15
CA ALA F 66 -3.45 30.73 -5.44
C ALA F 66 -4.53 31.78 -5.20
N PRO F 67 -5.77 31.53 -5.62
CA PRO F 67 -6.84 32.53 -5.39
C PRO F 67 -7.04 33.05 -3.96
N TRP F 68 -6.56 32.32 -2.95
N TRP F 68 -6.58 32.31 -2.93
CA TRP F 68 -6.92 32.58 -1.57
CA TRP F 68 -6.93 32.63 -1.55
C TRP F 68 -5.76 33.04 -0.69
C TRP F 68 -5.76 33.02 -0.67
N ASN F 69 -4.52 33.04 -1.18
CA ASN F 69 -3.38 33.49 -0.38
C ASN F 69 -2.63 34.63 -1.07
N GLY F 70 -3.35 35.45 -1.84
CA GLY F 70 -2.75 36.54 -2.59
C GLY F 70 -2.64 37.82 -1.80
N SER F 71 -3.57 38.05 -0.86
CA SER F 71 -3.57 39.25 -0.04
C SER F 71 -2.76 39.01 1.21
N ILE F 72 -1.61 39.68 1.32
CA ILE F 72 -0.81 39.57 2.53
C ILE F 72 -0.83 40.92 3.24
N PRO F 73 -1.49 41.05 4.38
CA PRO F 73 -1.47 42.33 5.09
C PRO F 73 -0.06 42.68 5.52
N ALA F 74 0.16 43.96 5.81
CA ALA F 74 1.44 44.37 6.40
C ALA F 74 1.66 43.59 7.69
N GLY F 75 2.83 42.96 7.81
CA GLY F 75 3.08 42.07 8.91
C GLY F 75 2.42 40.70 8.81
N GLY F 76 1.68 40.41 7.74
CA GLY F 76 1.06 39.12 7.57
C GLY F 76 1.91 38.16 6.75
N THR F 77 1.39 36.95 6.55
CA THR F 77 2.13 35.92 5.83
C THR F 77 1.24 35.19 4.83
N ALA F 78 1.89 34.52 3.89
CA ALA F 78 1.23 33.57 3.02
C ALA F 78 2.12 32.33 2.94
N GLN F 79 1.48 31.17 2.82
CA GLN F 79 2.16 29.89 2.74
C GLN F 79 1.87 29.19 1.43
N PHE F 80 2.88 28.51 0.90
CA PHE F 80 2.69 27.54 -0.17
C PHE F 80 3.73 26.46 0.02
N GLY F 81 3.66 25.42 -0.82
CA GLY F 81 4.68 24.38 -0.75
C GLY F 81 4.76 23.64 -2.06
N PHE F 82 5.82 22.83 -2.19
CA PHE F 82 5.96 21.96 -3.35
C PHE F 82 6.89 20.81 -2.98
N ASN F 83 6.78 19.69 -3.72
CA ASN F 83 7.79 18.61 -3.67
C ASN F 83 8.80 18.76 -4.80
N GLY F 84 10.01 18.25 -4.60
CA GLY F 84 10.94 18.08 -5.69
C GLY F 84 11.99 16.99 -5.46
N SER F 85 12.76 16.71 -6.48
CA SER F 85 13.90 15.82 -6.33
C SER F 85 15.14 16.63 -6.01
N TRP F 86 16.08 15.98 -5.33
CA TRP F 86 17.38 16.57 -5.09
C TRP F 86 18.39 15.47 -5.32
N THR F 87 19.60 15.83 -5.75
CA THR F 87 20.66 14.86 -5.89
C THR F 87 21.96 15.46 -5.39
N GLY F 88 22.75 14.67 -4.65
CA GLY F 88 24.05 15.10 -4.16
C GLY F 88 23.96 15.95 -2.90
N THR F 89 23.25 17.08 -3.02
CA THR F 89 22.97 17.97 -1.90
C THR F 89 21.64 18.63 -2.19
N ASN F 90 20.90 18.89 -1.12
CA ASN F 90 19.69 19.71 -1.26
C ASN F 90 19.96 21.10 -0.66
N ALA F 91 20.95 21.83 -1.21
CA ALA F 91 21.20 23.19 -0.73
C ALA F 91 20.03 24.11 -1.10
N ALA F 92 19.62 24.94 -0.13
CA ALA F 92 18.53 25.89 -0.33
C ALA F 92 18.99 27.09 -1.15
N PRO F 93 18.07 27.74 -1.88
CA PRO F 93 18.39 29.07 -2.44
C PRO F 93 18.62 30.04 -1.30
N THR F 94 19.42 31.07 -1.56
CA THR F 94 19.68 32.07 -0.54
C THR F 94 19.28 33.47 -0.97
N ALA F 95 18.77 33.62 -2.20
CA ALA F 95 18.24 34.86 -2.75
C ALA F 95 16.81 34.64 -3.23
N PHE F 96 15.90 35.54 -2.82
CA PHE F 96 14.48 35.47 -3.14
C PHE F 96 13.98 36.88 -3.38
N SER F 97 13.03 37.01 -4.29
N SER F 97 12.99 37.01 -4.26
CA SER F 97 12.42 38.31 -4.53
CA SER F 97 12.43 38.31 -4.58
C SER F 97 10.92 38.14 -4.62
C SER F 97 10.92 38.21 -4.72
N LEU F 98 10.20 39.07 -4.01
CA LEU F 98 8.74 39.09 -4.06
C LEU F 98 8.33 40.34 -4.83
N ASN F 99 7.67 40.13 -5.97
CA ASN F 99 7.26 41.24 -6.84
C ASN F 99 8.44 42.17 -7.14
N GLY F 100 9.61 41.59 -7.32
CA GLY F 100 10.79 42.38 -7.63
C GLY F 100 11.53 42.91 -6.42
N THR F 101 10.99 42.77 -5.23
CA THR F 101 11.68 43.28 -4.05
C THR F 101 12.52 42.17 -3.41
N PRO F 102 13.83 42.34 -3.29
CA PRO F 102 14.64 41.28 -2.69
C PRO F 102 14.27 41.10 -1.23
N CYS F 103 14.14 39.84 -0.83
CA CYS F 103 13.67 39.44 0.49
C CYS F 103 14.86 39.09 1.38
N THR F 104 14.69 39.24 2.70
CA THR F 104 15.60 38.57 3.61
C THR F 104 15.19 37.10 3.80
N VAL F 105 16.12 36.32 4.33
CA VAL F 105 15.95 34.88 4.52
C VAL F 105 16.00 34.58 6.01
N GLY F 106 14.98 33.90 6.50
CA GLY F 106 14.86 33.66 7.93
C GLY F 106 14.89 32.20 8.31
N ALA G 1 14.13 -35.38 -0.44
CA ALA G 1 15.31 -34.55 -0.69
C ALA G 1 15.52 -33.61 0.50
N ALA G 2 16.61 -32.83 0.46
CA ALA G 2 16.89 -31.81 1.47
C ALA G 2 17.71 -30.72 0.81
N GLY G 3 17.11 -29.53 0.62
CA GLY G 3 17.74 -28.48 -0.15
C GLY G 3 16.99 -27.18 -0.06
N CYS G 4 17.68 -26.09 -0.42
CA CYS G 4 17.13 -24.75 -0.34
C CYS G 4 17.77 -23.87 -1.41
N GLN G 5 17.04 -22.85 -1.86
CA GLN G 5 17.56 -21.88 -2.80
C GLN G 5 17.24 -20.49 -2.29
N VAL G 6 18.18 -19.57 -2.43
CA VAL G 6 18.01 -18.21 -1.91
C VAL G 6 17.99 -17.23 -3.07
N LEU G 7 17.05 -16.29 -3.02
CA LEU G 7 17.00 -15.18 -3.96
C LEU G 7 17.22 -13.88 -3.19
N TRP G 8 18.05 -13.02 -3.77
CA TRP G 8 18.60 -11.85 -3.08
C TRP G 8 18.30 -10.62 -3.95
N GLY G 9 17.45 -9.72 -3.47
CA GLY G 9 17.11 -8.55 -4.25
C GLY G 9 17.49 -7.22 -3.57
N VAL G 10 18.33 -6.38 -4.18
CA VAL G 10 18.87 -5.20 -3.48
C VAL G 10 18.56 -3.92 -4.23
N ASN G 11 18.01 -2.93 -3.52
CA ASN G 11 18.09 -1.57 -4.01
C ASN G 11 18.90 -0.77 -3.01
N GLN G 12 19.53 0.31 -3.50
CA GLN G 12 20.42 1.02 -2.63
C GLN G 12 20.41 2.51 -2.97
N TRP G 13 20.92 3.28 -2.02
CA TRP G 13 21.07 4.73 -2.09
C TRP G 13 22.29 5.08 -1.24
N ASN G 14 22.64 6.35 -1.22
CA ASN G 14 23.84 6.73 -0.49
C ASN G 14 23.74 6.36 1.00
N THR G 15 24.69 5.52 1.46
CA THR G 15 24.86 4.95 2.81
C THR G 15 23.91 3.82 3.19
N GLY G 16 22.82 3.59 2.47
CA GLY G 16 21.85 2.60 2.89
C GLY G 16 21.44 1.71 1.73
N PHE G 17 20.90 0.55 2.09
CA PHE G 17 20.38 -0.38 1.10
C PHE G 17 19.28 -1.21 1.74
N THR G 18 18.43 -1.76 0.87
CA THR G 18 17.37 -2.69 1.27
C THR G 18 17.56 -4.01 0.54
N ALA G 19 17.51 -5.11 1.29
CA ALA G 19 17.60 -6.45 0.72
C ALA G 19 16.26 -7.13 0.93
N ASN G 20 15.69 -7.67 -0.15
CA ASN G 20 14.51 -8.53 -0.03
C ASN G 20 14.93 -9.93 -0.43
N VAL G 21 14.64 -10.89 0.44
CA VAL G 21 15.18 -12.23 0.31
C VAL G 21 14.04 -13.22 0.23
N THR G 22 14.12 -14.13 -0.72
CA THR G 22 13.21 -15.25 -0.84
C THR G 22 13.99 -16.51 -0.55
N VAL G 23 13.50 -17.34 0.36
CA VAL G 23 14.10 -18.65 0.61
C VAL G 23 13.11 -19.71 0.15
N GLN G 24 13.56 -20.57 -0.76
N GLN G 24 13.50 -20.47 -0.86
CA GLN G 24 12.72 -21.53 -1.46
CA GLN G 24 12.64 -21.53 -1.38
C GLN G 24 13.05 -22.94 -0.98
C GLN G 24 13.07 -22.86 -0.78
N ASN G 25 12.08 -23.62 -0.37
CA ASN G 25 12.30 -24.98 0.15
C ASN G 25 12.23 -25.92 -1.05
N THR G 26 13.38 -26.37 -1.54
CA THR G 26 13.39 -27.22 -2.72
C THR G 26 13.47 -28.69 -2.37
N SER G 27 13.21 -29.06 -1.12
CA SER G 27 13.23 -30.46 -0.73
C SER G 27 11.84 -31.06 -0.99
N SER G 28 11.60 -32.28 -0.52
CA SER G 28 10.30 -32.91 -0.68
C SER G 28 9.48 -32.93 0.61
N ALA G 29 10.06 -32.46 1.73
CA ALA G 29 9.42 -32.34 3.04
C ALA G 29 9.16 -30.87 3.38
N PRO G 30 8.10 -30.57 4.14
CA PRO G 30 7.84 -29.17 4.52
C PRO G 30 8.82 -28.72 5.61
N VAL G 31 8.99 -27.40 5.72
CA VAL G 31 9.78 -26.81 6.80
C VAL G 31 8.83 -26.24 7.84
N GLN G 32 9.17 -26.38 9.13
CA GLN G 32 8.42 -25.75 10.22
C GLN G 32 9.45 -25.07 11.14
N GLY G 33 9.73 -23.78 10.90
CA GLY G 33 10.72 -23.07 11.68
C GLY G 33 12.09 -23.13 11.05
N TRP G 34 12.79 -21.99 10.94
CA TRP G 34 14.03 -22.01 10.18
C TRP G 34 14.98 -20.90 10.60
N THR G 35 16.26 -21.17 10.39
CA THR G 35 17.34 -20.22 10.61
C THR G 35 18.17 -20.16 9.34
N LEU G 36 18.38 -18.95 8.84
CA LEU G 36 19.18 -18.70 7.65
C LEU G 36 20.46 -18.00 8.10
N THR G 37 21.61 -18.53 7.70
CA THR G 37 22.86 -17.91 8.06
C THR G 37 23.65 -17.58 6.80
N PHE G 38 24.43 -16.51 6.88
CA PHE G 38 25.24 -16.04 5.78
C PHE G 38 26.22 -15.03 6.35
N SER G 39 27.27 -14.70 5.57
CA SER G 39 28.23 -13.67 5.93
C SER G 39 28.29 -12.53 4.90
N PHE G 40 28.32 -11.30 5.41
CA PHE G 40 28.54 -10.10 4.60
C PHE G 40 29.99 -10.04 4.11
N PRO G 41 30.21 -9.82 2.80
CA PRO G 41 31.58 -9.65 2.30
C PRO G 41 32.16 -8.23 2.42
N SER G 42 31.33 -7.20 2.53
CA SER G 42 31.82 -5.83 2.32
C SER G 42 31.66 -4.93 3.52
N GLY G 43 31.55 -5.50 4.73
CA GLY G 43 31.47 -4.67 5.92
C GLY G 43 30.09 -4.13 6.24
N GLN G 44 29.05 -4.61 5.56
CA GLN G 44 27.68 -4.12 5.79
C GLN G 44 27.19 -4.48 7.19
N GLN G 45 26.27 -3.67 7.70
CA GLN G 45 25.60 -3.94 8.97
C GLN G 45 24.10 -3.87 8.76
N VAL G 46 23.37 -4.86 9.30
CA VAL G 46 21.90 -4.82 9.31
C VAL G 46 21.44 -3.74 10.26
N THR G 47 20.47 -2.91 9.85
CA THR G 47 19.95 -1.85 10.70
C THR G 47 18.52 -2.04 11.12
N GLN G 48 17.73 -2.82 10.39
CA GLN G 48 16.32 -3.05 10.69
C GLN G 48 15.82 -4.19 9.80
N ALA G 49 14.98 -5.05 10.35
CA ALA G 49 14.56 -6.24 9.64
C ALA G 49 13.07 -6.44 9.86
N TRP G 50 12.42 -7.13 8.91
CA TRP G 50 11.01 -7.44 9.06
C TRP G 50 10.74 -8.86 8.58
N SER G 51 9.63 -9.43 9.06
CA SER G 51 9.24 -10.82 8.77
C SER G 51 10.34 -11.80 9.14
N SER G 52 11.11 -11.47 10.17
CA SER G 52 12.30 -12.19 10.61
C SER G 52 12.85 -11.48 11.84
N THR G 53 13.58 -12.23 12.65
CA THR G 53 14.49 -11.70 13.65
C THR G 53 15.91 -11.87 13.14
N VAL G 54 16.69 -10.79 13.12
CA VAL G 54 18.04 -10.81 12.60
C VAL G 54 18.99 -10.41 13.72
N THR G 55 20.03 -11.22 13.92
CA THR G 55 21.15 -10.86 14.75
C THR G 55 22.44 -10.92 13.94
N GLN G 56 23.39 -10.09 14.33
CA GLN G 56 24.66 -10.03 13.64
C GLN G 56 25.75 -9.83 14.68
N SER G 57 26.88 -10.49 14.48
CA SER G 57 28.09 -10.21 15.25
C SER G 57 29.25 -10.28 14.28
N GLY G 58 30.02 -9.22 14.20
CA GLY G 58 30.99 -9.11 13.12
C GLY G 58 30.26 -9.17 11.80
N SER G 59 30.77 -9.99 10.88
CA SER G 59 30.20 -10.18 9.56
C SER G 59 29.19 -11.33 9.47
N ALA G 60 29.01 -12.12 10.54
CA ALA G 60 28.12 -13.26 10.49
C ALA G 60 26.69 -12.84 10.84
N VAL G 61 25.74 -13.23 10.00
CA VAL G 61 24.33 -12.90 10.16
C VAL G 61 23.51 -14.18 10.29
N THR G 62 22.59 -14.21 11.25
CA THR G 62 21.63 -15.29 11.37
C THR G 62 20.23 -14.70 11.38
N VAL G 63 19.35 -15.28 10.58
CA VAL G 63 17.97 -14.84 10.38
C VAL G 63 17.06 -15.99 10.81
N GLN G 64 16.27 -15.80 11.86
CA GLN G 64 15.26 -16.80 12.16
C GLN G 64 13.87 -16.26 11.80
N ASN G 65 12.94 -17.18 11.59
CA ASN G 65 11.66 -16.84 10.99
C ASN G 65 10.78 -16.02 11.95
N ALA G 66 9.79 -15.36 11.37
CA ALA G 66 8.70 -14.72 12.11
C ALA G 66 7.58 -15.74 12.33
N PRO G 67 6.61 -15.43 13.20
CA PRO G 67 5.55 -16.44 13.45
C PRO G 67 4.71 -16.75 12.22
N TRP G 68 4.77 -15.88 11.22
CA TRP G 68 3.89 -16.00 10.06
C TRP G 68 4.63 -16.48 8.81
N ASN G 69 5.90 -16.94 8.96
CA ASN G 69 6.58 -17.54 7.80
C ASN G 69 7.55 -18.65 8.20
N GLY G 70 7.36 -19.29 9.35
CA GLY G 70 8.16 -20.45 9.72
C GLY G 70 7.81 -21.71 8.94
N SER G 71 6.60 -21.79 8.42
CA SER G 71 6.15 -22.98 7.71
C SER G 71 6.30 -22.76 6.20
N ILE G 72 7.14 -23.59 5.57
CA ILE G 72 7.38 -23.49 4.12
C ILE G 72 7.05 -24.83 3.48
N PRO G 73 5.99 -24.92 2.68
CA PRO G 73 5.67 -26.19 2.02
C PRO G 73 6.80 -26.65 1.13
N ALA G 74 6.86 -27.97 0.90
CA ALA G 74 7.74 -28.52 -0.12
C ALA G 74 7.53 -27.76 -1.42
N GLY G 75 8.61 -27.20 -1.95
CA GLY G 75 8.51 -26.34 -3.11
C GLY G 75 8.00 -24.93 -2.84
N GLY G 76 7.72 -24.56 -1.60
CA GLY G 76 7.20 -23.24 -1.31
C GLY G 76 8.32 -22.27 -0.89
N THR G 77 7.88 -21.07 -0.51
CA THR G 77 8.80 -19.99 -0.17
C THR G 77 8.38 -19.29 1.12
N ALA G 78 9.38 -18.71 1.80
CA ALA G 78 9.17 -17.64 2.77
C ALA G 78 9.96 -16.42 2.30
N GLN G 79 9.45 -15.22 2.61
CA GLN G 79 10.11 -13.97 2.24
C GLN G 79 10.36 -13.13 3.47
N PHE G 80 11.48 -12.41 3.47
CA PHE G 80 11.80 -11.44 4.52
C PHE G 80 12.67 -10.34 3.90
N GLY G 81 12.90 -9.28 4.66
CA GLY G 81 13.69 -8.17 4.16
C GLY G 81 14.41 -7.46 5.29
N PHE G 82 15.40 -6.65 4.91
CA PHE G 82 16.03 -5.79 5.91
C PHE G 82 16.70 -4.60 5.23
N ASN G 83 16.86 -3.53 5.99
CA ASN G 83 17.71 -2.40 5.64
C ASN G 83 19.10 -2.63 6.20
N GLY G 84 20.10 -2.08 5.53
CA GLY G 84 21.46 -2.16 6.05
C GLY G 84 22.25 -0.94 5.64
N SER G 85 23.47 -0.85 6.15
CA SER G 85 24.36 0.22 5.79
C SER G 85 25.51 -0.34 4.94
N TRP G 86 26.04 0.49 4.04
CA TRP G 86 27.17 0.10 3.21
C TRP G 86 28.02 1.32 2.90
N THR G 87 29.28 1.08 2.51
CA THR G 87 30.23 2.18 2.24
C THR G 87 31.01 1.91 0.95
N GLY G 88 30.53 2.43 -0.17
CA GLY G 88 31.33 2.37 -1.38
C GLY G 88 31.29 1.05 -2.12
N THR G 89 31.07 -0.05 -1.37
CA THR G 89 31.05 -1.39 -1.93
C THR G 89 29.98 -2.19 -1.20
N ASN G 90 29.23 -2.99 -1.95
CA ASN G 90 28.10 -3.66 -1.35
C ASN G 90 27.91 -5.01 -2.02
N ALA G 91 28.91 -5.88 -1.91
CA ALA G 91 28.80 -7.17 -2.57
C ALA G 91 27.73 -8.03 -1.90
N ALA G 92 27.15 -8.90 -2.68
CA ALA G 92 26.17 -9.80 -2.09
C ALA G 92 26.89 -10.98 -1.43
N PRO G 93 26.27 -11.60 -0.42
CA PRO G 93 26.83 -12.84 0.13
C PRO G 93 26.79 -13.91 -0.93
N THR G 94 27.73 -14.83 -0.86
CA THR G 94 27.83 -15.86 -1.88
C THR G 94 27.48 -17.27 -1.37
N ALA G 95 27.18 -17.42 -0.08
CA ALA G 95 26.75 -18.70 0.47
C ALA G 95 25.72 -18.46 1.57
N PHE G 96 24.65 -19.25 1.56
CA PHE G 96 23.66 -19.25 2.62
C PHE G 96 23.42 -20.69 3.05
N SER G 97 22.93 -20.85 4.28
CA SER G 97 22.48 -22.15 4.76
C SER G 97 21.19 -21.98 5.53
N LEU G 98 20.21 -22.84 5.22
CA LEU G 98 18.93 -22.90 5.92
C LEU G 98 18.91 -24.15 6.79
N ASN G 99 18.82 -23.96 8.12
CA ASN G 99 18.84 -25.04 9.10
C ASN G 99 20.04 -25.95 8.90
N GLY G 100 21.15 -25.39 8.44
CA GLY G 100 22.37 -26.12 8.28
C GLY G 100 22.60 -26.70 6.91
N THR G 101 21.61 -26.63 6.02
CA THR G 101 21.78 -27.12 4.65
C THR G 101 22.25 -25.98 3.76
N PRO G 102 23.42 -26.09 3.14
CA PRO G 102 23.85 -25.05 2.19
C PRO G 102 22.81 -24.89 1.08
N CYS G 103 22.54 -23.63 0.71
CA CYS G 103 21.57 -23.32 -0.32
C CYS G 103 22.26 -22.95 -1.62
N THR G 104 21.58 -23.22 -2.73
CA THR G 104 22.00 -22.63 -3.99
C THR G 104 21.53 -21.19 -4.07
N VAL G 105 22.10 -20.43 -5.02
CA VAL G 105 21.75 -19.03 -5.20
C VAL G 105 21.20 -18.76 -6.60
N GLY G 106 22.03 -18.92 -7.62
CA GLY G 106 21.58 -18.82 -9.00
C GLY G 106 20.73 -20.00 -9.46
N ALA H 1 0.53 33.77 17.77
CA ALA H 1 0.11 32.71 18.67
C ALA H 1 1.19 31.64 18.78
N ALA H 2 0.98 30.69 19.70
CA ALA H 2 1.87 29.54 19.89
C ALA H 2 1.05 28.42 20.50
N GLY H 3 1.02 27.26 19.82
CA GLY H 3 0.20 26.16 20.29
C GLY H 3 0.43 24.92 19.46
N CYS H 4 -0.06 23.80 19.98
CA CYS H 4 -0.06 22.52 19.28
C CYS H 4 -1.31 21.75 19.67
N GLN H 5 -1.61 20.72 18.88
CA GLN H 5 -2.71 19.83 19.16
C GLN H 5 -2.28 18.43 18.75
N VAL H 6 -2.56 17.45 19.60
CA VAL H 6 -2.17 16.06 19.36
C VAL H 6 -3.44 15.23 19.23
N LEU H 7 -3.50 14.41 18.17
CA LEU H 7 -4.57 13.42 17.98
C LEU H 7 -3.95 12.03 18.00
N TRP H 8 -4.60 11.13 18.73
CA TRP H 8 -4.06 9.85 19.16
C TRP H 8 -5.06 8.81 18.70
N GLY H 9 -4.73 8.06 17.64
CA GLY H 9 -5.57 6.98 17.14
C GLY H 9 -4.95 5.62 17.42
N VAL H 10 -5.74 4.75 18.06
CA VAL H 10 -5.22 3.48 18.58
C VAL H 10 -6.04 2.33 18.04
N ASN H 11 -5.36 1.32 17.48
CA ASN H 11 -5.92 -0.02 17.37
C ASN H 11 -5.10 -0.98 18.23
N GLN H 12 -5.75 -2.01 18.78
CA GLN H 12 -5.05 -2.86 19.74
C GLN H 12 -5.47 -4.32 19.64
N TRP H 13 -4.58 -5.19 20.10
CA TRP H 13 -4.83 -6.62 20.21
C TRP H 13 -4.47 -7.12 21.61
N ASN H 14 -4.41 -8.44 21.80
N ASN H 14 -4.37 -8.44 21.77
CA ASN H 14 -4.37 -8.98 23.16
CA ASN H 14 -4.34 -9.05 23.10
C ASN H 14 -3.12 -8.53 23.92
C ASN H 14 -3.13 -8.61 23.90
N THR H 15 -1.98 -8.43 23.24
CA THR H 15 -0.76 -8.06 23.94
C THR H 15 -0.12 -6.75 23.47
N GLY H 16 -0.52 -6.21 22.31
CA GLY H 16 0.08 -5.01 21.78
C GLY H 16 -0.95 -4.01 21.30
N PHE H 17 -0.43 -2.88 20.82
CA PHE H 17 -1.28 -1.84 20.25
C PHE H 17 -0.45 -1.03 19.28
N THR H 18 -1.14 -0.35 18.37
CA THR H 18 -0.50 0.58 17.45
C THR H 18 -1.12 1.95 17.68
N ALA H 19 -0.27 2.97 17.72
CA ALA H 19 -0.70 4.36 17.91
C ALA H 19 -0.29 5.17 16.69
N ASN H 20 -1.25 5.85 16.07
CA ASN H 20 -0.94 6.77 14.97
C ASN H 20 -1.24 8.19 15.44
N VAL H 21 -0.19 9.00 15.51
CA VAL H 21 -0.21 10.30 16.16
C VAL H 21 -0.10 11.39 15.12
N THR H 22 -0.97 12.38 15.24
CA THR H 22 -0.98 13.57 14.42
C THR H 22 -0.62 14.75 15.32
N VAL H 23 0.45 15.44 14.98
CA VAL H 23 0.94 16.60 15.72
C VAL H 23 0.60 17.82 14.89
N GLN H 24 -0.30 18.66 15.38
CA GLN H 24 -0.74 19.82 14.63
C GLN H 24 -0.12 21.12 15.16
N ASN H 25 0.37 21.95 14.25
CA ASN H 25 0.92 23.26 14.61
C ASN H 25 -0.22 24.26 14.53
N THR H 26 -0.86 24.55 15.67
CA THR H 26 -1.94 25.52 15.71
C THR H 26 -1.43 26.94 15.90
N SER H 27 -0.13 27.14 15.92
CA SER H 27 0.46 28.45 16.14
C SER H 27 0.38 29.24 14.84
N SER H 28 1.04 30.40 14.84
CA SER H 28 1.10 31.30 13.69
C SER H 28 2.44 31.28 12.97
N ALA H 29 3.41 30.50 13.45
CA ALA H 29 4.75 30.37 12.90
C ALA H 29 5.10 28.91 12.66
N PRO H 30 5.85 28.60 11.60
CA PRO H 30 6.17 27.19 11.32
C PRO H 30 7.22 26.64 12.27
N VAL H 31 7.18 25.28 12.46
CA VAL H 31 8.18 24.53 13.22
C VAL H 31 9.21 24.00 12.23
N GLN H 32 10.51 24.00 12.61
CA GLN H 32 11.58 23.36 11.80
C GLN H 32 12.44 22.56 12.76
N GLY H 33 12.01 21.31 13.01
CA GLY H 33 12.62 20.41 13.97
C GLY H 33 11.81 20.42 15.25
N TRP H 34 11.43 19.25 15.80
CA TRP H 34 10.56 19.24 16.96
C TRP H 34 10.81 18.04 17.85
N THR H 35 10.45 18.22 19.12
CA THR H 35 10.50 17.16 20.12
C THR H 35 9.17 17.12 20.86
N LEU H 36 8.54 15.96 20.90
CA LEU H 36 7.27 15.78 21.57
C LEU H 36 7.46 14.84 22.76
N THR H 37 6.95 15.25 23.94
CA THR H 37 7.09 14.46 25.15
C THR H 37 5.73 14.17 25.76
N PHE H 38 5.63 13.02 26.43
CA PHE H 38 4.43 12.59 27.15
C PHE H 38 4.83 11.42 28.06
N SER H 39 3.91 11.06 28.96
CA SER H 39 4.09 9.92 29.85
C SER H 39 3.01 8.88 29.61
N PHE H 40 3.37 7.61 29.73
CA PHE H 40 2.40 6.52 29.65
C PHE H 40 1.73 6.34 31.01
N PRO H 41 0.39 6.28 31.07
CA PRO H 41 -0.29 6.09 32.37
C PRO H 41 -0.36 4.65 32.87
N SER H 42 -0.28 3.64 32.00
CA SER H 42 -0.57 2.27 32.40
C SER H 42 0.64 1.34 32.26
N GLY H 43 1.85 1.88 32.27
CA GLY H 43 3.02 1.02 32.15
C GLY H 43 3.34 0.49 30.76
N GLN H 44 2.86 1.13 29.70
CA GLN H 44 3.14 0.66 28.34
C GLN H 44 4.62 0.81 28.00
N GLN H 45 5.03 0.11 26.94
CA GLN H 45 6.42 0.16 26.47
C GLN H 45 6.44 0.20 24.95
N VAL H 46 7.02 1.27 24.39
CA VAL H 46 7.20 1.37 22.94
C VAL H 46 8.14 0.26 22.47
N THR H 47 7.71 -0.49 21.47
CA THR H 47 8.55 -1.54 20.92
C THR H 47 9.09 -1.23 19.54
N GLN H 48 8.50 -0.29 18.80
CA GLN H 48 8.96 0.04 17.46
C GLN H 48 8.27 1.32 17.03
N ALA H 49 9.02 2.21 16.39
CA ALA H 49 8.50 3.49 15.94
C ALA H 49 8.92 3.74 14.49
N TRP H 50 8.18 4.60 13.81
CA TRP H 50 8.51 5.02 12.47
C TRP H 50 8.22 6.51 12.31
N SER H 51 8.84 7.10 11.29
CA SER H 51 8.70 8.53 11.04
C SER H 51 9.00 9.36 12.28
N SER H 52 9.93 8.89 13.10
CA SER H 52 10.29 9.54 14.35
C SER H 52 11.41 8.72 14.97
N THR H 53 12.07 9.31 15.97
CA THR H 53 12.95 8.58 16.87
C THR H 53 12.37 8.69 18.26
N VAL H 54 12.07 7.56 18.87
CA VAL H 54 11.39 7.52 20.16
C VAL H 54 12.33 6.93 21.21
N THR H 55 12.38 7.55 22.36
CA THR H 55 13.15 7.01 23.47
C THR H 55 12.25 7.02 24.70
N GLN H 56 12.42 6.01 25.55
CA GLN H 56 11.55 5.86 26.70
C GLN H 56 12.40 5.58 27.92
N SER H 57 12.26 6.41 28.94
CA SER H 57 12.89 6.19 30.23
C SER H 57 11.77 6.01 31.25
N GLY H 58 11.59 4.78 31.72
CA GLY H 58 10.47 4.50 32.61
C GLY H 58 9.18 4.67 31.83
N SER H 59 8.28 5.51 32.33
CA SER H 59 7.08 5.86 31.58
C SER H 59 7.22 7.17 30.80
N ALA H 60 8.38 7.81 30.80
CA ALA H 60 8.61 9.05 30.06
C ALA H 60 9.03 8.75 28.63
N VAL H 61 8.42 9.43 27.66
CA VAL H 61 8.69 9.18 26.25
C VAL H 61 9.00 10.49 25.54
N THR H 62 10.07 10.49 24.74
CA THR H 62 10.39 11.64 23.89
C THR H 62 10.39 11.21 22.43
N VAL H 63 9.69 11.98 21.59
CA VAL H 63 9.60 11.73 20.16
C VAL H 63 10.26 12.90 19.46
N GLN H 64 11.25 12.60 18.61
CA GLN H 64 11.93 13.59 17.78
C GLN H 64 11.57 13.35 16.33
N ASN H 65 11.45 14.43 15.57
CA ASN H 65 11.00 14.31 14.20
C ASN H 65 11.96 13.45 13.39
N ALA H 66 11.45 12.87 12.30
CA ALA H 66 12.27 12.27 11.26
C ALA H 66 12.70 13.36 10.27
N PRO H 67 13.72 13.10 9.45
CA PRO H 67 14.14 14.15 8.49
C PRO H 67 13.01 14.59 7.58
N TRP H 68 11.97 13.76 7.40
CA TRP H 68 10.91 14.04 6.45
C TRP H 68 9.64 14.62 7.10
N ASN H 69 9.64 14.86 8.42
CA ASN H 69 8.49 15.57 8.99
C ASN H 69 8.89 16.59 10.06
N GLY H 70 10.12 17.11 10.01
CA GLY H 70 10.51 18.15 10.94
C GLY H 70 9.90 19.51 10.63
N SER H 71 9.61 19.78 9.35
CA SER H 71 8.98 21.05 8.97
C SER H 71 7.47 20.96 9.12
N ILE H 72 6.88 21.65 10.08
CA ILE H 72 5.44 21.70 10.19
C ILE H 72 4.98 23.14 9.89
N PRO H 73 4.27 23.36 8.78
CA PRO H 73 3.71 24.69 8.49
C PRO H 73 2.77 25.16 9.60
N ALA H 74 2.59 26.48 9.69
CA ALA H 74 1.57 27.02 10.58
C ALA H 74 0.21 26.51 10.14
N GLY H 75 -0.54 25.94 11.09
CA GLY H 75 -1.78 25.26 10.79
C GLY H 75 -1.60 23.88 10.25
N GLY H 76 -0.37 23.47 9.96
CA GLY H 76 -0.10 22.19 9.35
C GLY H 76 0.09 21.10 10.37
N THR H 77 0.51 19.93 9.87
CA THR H 77 0.47 18.71 10.65
C THR H 77 1.66 17.84 10.30
N ALA H 78 2.14 17.10 11.30
CA ALA H 78 3.09 16.01 11.07
C ALA H 78 2.51 14.74 11.66
N GLN H 79 2.95 13.59 11.13
CA GLN H 79 2.40 12.31 11.55
C GLN H 79 3.53 11.35 11.87
N PHE H 80 3.31 10.51 12.87
CA PHE H 80 4.23 9.41 13.16
C PHE H 80 3.43 8.28 13.81
N GLY H 81 4.11 7.18 14.11
CA GLY H 81 3.39 6.05 14.69
C GLY H 81 4.37 5.15 15.38
N PHE H 82 3.83 4.24 16.17
CA PHE H 82 4.65 3.26 16.86
C PHE H 82 3.78 2.10 17.34
N ASN H 83 4.45 0.99 17.57
CA ASN H 83 3.86 -0.15 18.25
C ASN H 83 4.32 -0.15 19.70
N GLY H 84 3.47 -0.69 20.58
CA GLY H 84 3.83 -0.83 21.97
C GLY H 84 3.14 -2.03 22.57
N SER H 85 3.68 -2.51 23.69
CA SER H 85 3.00 -3.53 24.47
C SER H 85 2.27 -2.88 25.64
N TRP H 86 1.18 -3.51 26.06
CA TRP H 86 0.38 -3.06 27.18
C TRP H 86 0.07 -4.26 28.05
N THR H 87 0.01 -4.05 29.37
CA THR H 87 -0.32 -5.11 30.31
C THR H 87 -1.40 -4.61 31.26
N GLY H 88 -2.47 -5.39 31.39
CA GLY H 88 -3.58 -5.02 32.26
C GLY H 88 -4.51 -4.00 31.63
N THR H 89 -4.01 -2.78 31.41
CA THR H 89 -4.83 -1.72 30.84
C THR H 89 -4.02 -0.95 29.80
N ASN H 90 -4.72 -0.27 28.90
CA ASN H 90 -4.07 0.45 27.80
C ASN H 90 -4.70 1.84 27.63
N ALA H 91 -4.63 2.65 28.69
CA ALA H 91 -5.16 4.00 28.68
C ALA H 91 -4.21 4.92 27.91
N ALA H 92 -4.78 5.99 27.36
CA ALA H 92 -4.02 6.94 26.57
C ALA H 92 -3.36 7.98 27.48
N PRO H 93 -2.28 8.64 27.02
CA PRO H 93 -1.76 9.79 27.75
C PRO H 93 -2.78 10.93 27.75
N THR H 94 -2.66 11.80 28.76
CA THR H 94 -3.54 12.95 28.87
C THR H 94 -2.84 14.29 28.65
N ALA H 95 -1.52 14.32 28.55
CA ALA H 95 -0.80 15.57 28.33
C ALA H 95 0.36 15.34 27.37
N PHE H 96 0.57 16.31 26.48
CA PHE H 96 1.64 16.28 25.49
C PHE H 96 2.27 17.67 25.41
N SER H 97 3.58 17.71 25.20
CA SER H 97 4.27 18.97 24.97
C SER H 97 5.11 18.87 23.69
N LEU H 98 5.04 19.91 22.86
CA LEU H 98 5.84 20.00 21.64
C LEU H 98 6.81 21.17 21.80
N ASN H 99 8.11 20.86 21.72
CA ASN H 99 9.17 21.84 21.98
C ASN H 99 8.91 22.64 23.24
N GLY H 100 8.18 22.06 24.19
CA GLY H 100 7.90 22.73 25.46
C GLY H 100 6.56 23.41 25.56
N THR H 101 5.79 23.44 24.51
CA THR H 101 4.45 24.02 24.62
C THR H 101 3.44 22.93 24.93
N PRO H 102 2.57 23.09 25.94
CA PRO H 102 1.51 22.11 26.14
C PRO H 102 0.57 22.07 24.92
N CYS H 103 0.06 20.88 24.62
CA CYS H 103 -0.84 20.68 23.50
C CYS H 103 -2.24 20.35 23.99
N THR H 104 -3.22 20.69 23.14
CA THR H 104 -4.60 20.28 23.32
C THR H 104 -4.78 18.89 22.70
N VAL H 105 -5.56 18.03 23.37
CA VAL H 105 -5.55 16.60 23.05
C VAL H 105 -6.86 16.18 22.37
N GLY H 106 -6.75 15.07 21.64
CA GLY H 106 -7.87 14.42 20.96
C GLY H 106 -7.51 13.09 20.31
C ACT I . -22.01 -8.25 15.67
O ACT I . -22.85 -7.79 14.85
OXT ACT I . -21.92 -7.73 16.82
CH3 ACT I . -21.10 -9.43 15.26
C1 EDO J . -14.10 -4.15 3.58
O1 EDO J . -15.23 -3.32 3.45
C2 EDO J . -13.81 -4.34 5.08
O2 EDO J . -14.68 -5.34 5.56
C FMT K . -4.76 -10.15 6.50
O1 FMT K . -4.73 -10.70 5.35
O2 FMT K . -3.70 -9.82 7.12
C FMT L . -10.16 9.18 3.93
O1 FMT L . -10.20 8.25 3.08
O2 FMT L . -9.66 8.99 5.08
N1 1PS M . -2.69 5.45 -16.44
C1 1PS M . -2.19 4.39 -17.08
C2 1PS M . -0.98 4.48 -17.76
C3 1PS M . -2.00 6.63 -16.46
C4 1PS M . -0.79 6.71 -17.14
C5 1PS M . -0.28 5.63 -17.79
C6 1PS M . -3.96 5.39 -15.75
C7 1PS M . -3.79 5.21 -14.24
C8 1PS M . -5.14 5.56 -13.59
S1 1PS M . -5.05 5.01 -11.89
O1 1PS M . -4.73 3.54 -12.01
O2 1PS M . -3.87 5.56 -11.10
O3 1PS M . -6.24 5.45 -11.10
C1 EDO N . -22.02 17.48 -1.84
O1 EDO N . -20.97 16.88 -1.12
C2 EDO N . -22.34 16.62 -3.05
O2 EDO N . -21.14 16.30 -3.70
C1 EDO O . -14.98 -0.06 -4.74
O1 EDO O . -14.76 0.17 -3.37
C2 EDO O . -13.66 -0.44 -5.43
O2 EDO O . -13.78 -0.51 -6.86
C1 EDO P . -19.21 22.68 -13.77
O1 EDO P . -19.09 23.73 -12.86
C2 EDO P . -18.40 23.04 -15.02
O2 EDO P . -18.29 21.90 -15.84
C FMT Q . 5.93 14.14 -17.98
O1 FMT Q . 6.05 14.83 -16.93
O2 FMT Q . 6.50 13.02 -18.08
C FMT R . -7.15 11.58 -21.56
O1 FMT R . -6.28 11.16 -22.36
O2 FMT R . -8.16 12.21 -22.00
C ACT S . 23.03 6.38 -9.23
O ACT S . 23.53 7.17 -8.35
OXT ACT S . 23.59 5.29 -9.57
CH3 ACT S . 21.71 6.77 -9.89
C ACT T . 18.93 8.38 -19.77
O ACT T . 18.65 8.01 -20.95
OXT ACT T . 19.77 7.70 -19.11
CH3 ACT T . 18.26 9.63 -19.17
C ACT U . 28.65 -2.07 -18.49
O ACT U . 28.13 -0.94 -18.73
OXT ACT U . 28.31 -2.72 -17.45
CH3 ACT U . 29.70 -2.65 -19.44
C ACT V . 4.33 -1.95 -21.90
O ACT V . 3.14 -1.54 -21.75
OXT ACT V . 4.60 -3.15 -21.62
CH3 ACT V . 5.42 -1.00 -22.42
C1 EDO W . 7.25 4.89 -12.61
O1 EDO W . 7.97 5.63 -13.59
C2 EDO W . 5.81 4.60 -13.08
O2 EDO W . 5.89 3.91 -14.31
C1 EDO X . 12.04 3.99 1.31
O1 EDO X . 10.83 4.57 0.90
C2 EDO X . 12.84 3.58 0.07
O2 EDO X . 14.19 3.30 0.37
C1 EDO Y . 20.97 -8.23 -7.00
O1 EDO Y . 20.06 -7.63 -6.08
C2 EDO Y . 21.89 -9.19 -6.26
O2 EDO Y . 22.38 -10.11 -7.20
C1 EDO Z . 26.22 3.64 -17.97
O1 EDO Z . 26.38 4.45 -16.84
C2 EDO Z . 27.34 2.60 -18.06
O2 EDO Z . 27.74 2.23 -16.76
C1 EDO AA . -2.56 1.09 -14.49
O1 EDO AA . -3.56 1.67 -15.28
C2 EDO AA . -1.43 0.70 -15.45
O2 EDO AA . -0.57 1.81 -15.48
C FMT BA . 16.09 6.36 -29.05
O1 FMT BA . 15.35 7.29 -29.47
O2 FMT BA . 16.56 5.50 -29.86
C FMT CA . 7.72 9.44 -3.22
O1 FMT CA . 8.26 8.88 -2.22
O2 FMT CA . 6.67 10.11 -3.06
C FMT DA . 29.01 -6.09 -24.81
O1 FMT DA . 28.77 -6.87 -23.86
O2 FMT DA . 28.68 -4.88 -24.72
C FMT EA . 4.74 -8.88 -10.73
O1 FMT EA . 3.91 -7.95 -10.43
O2 FMT EA . 5.94 -8.90 -10.30
N1 1PS FA . -16.25 -4.14 -5.41
C1 1PS FA . -16.82 -2.98 -5.00
C2 1PS FA . -17.59 -2.94 -3.84
C3 1PS FA . -16.44 -5.27 -4.68
C4 1PS FA . -17.23 -5.23 -3.52
C5 1PS FA . -17.79 -4.07 -3.11
C6 1PS FA . -15.43 -4.17 -6.62
C7 1PS FA . -13.96 -3.90 -6.19
C8 1PS FA . -13.12 -4.02 -7.50
S1 1PS FA . -11.39 -3.76 -7.02
O1 1PS FA . -10.57 -4.28 -8.14
O2 1PS FA . -11.03 -4.34 -5.66
O3 1PS FA . -11.31 -2.30 -6.63
C ACT GA . -19.61 -13.04 2.69
O ACT GA . -19.96 -12.06 3.41
OXT ACT GA . -18.53 -13.65 2.94
CH3 ACT GA . -20.49 -13.52 1.52
C1 EDO HA . -22.89 -8.57 -10.35
O1 EDO HA . -22.82 -7.95 -9.10
C2 EDO HA . -21.57 -9.26 -10.64
O2 EDO HA . -21.52 -9.56 -12.00
C1 EDO IA . -5.35 -26.35 -22.58
O1 EDO IA . -6.41 -27.06 -23.15
C2 EDO IA . -4.76 -25.45 -23.66
O2 EDO IA . -3.52 -25.97 -24.06
C FMT JA . -0.87 -15.12 -22.41
O1 FMT JA . -1.66 -14.39 -23.07
O2 FMT JA . 0.04 -15.72 -23.04
C FMT KA . -13.23 -19.86 -22.54
O1 FMT KA . -14.20 -19.50 -21.82
O2 FMT KA . -12.66 -20.97 -22.32
C FMT LA . -10.10 -26.94 -7.36
O1 FMT LA . -10.59 -27.26 -8.50
O2 FMT LA . -10.73 -26.18 -6.56
C1 PEG MA . -19.36 -4.74 -6.80
O1 PEG MA . -20.54 -4.73 -6.02
C2 PEG MA . -18.85 -6.18 -6.93
O2 PEG MA . -18.16 -6.42 -8.13
C3 PEG MA . -18.64 -7.48 -8.91
C4 PEG MA . -18.46 -7.20 -10.42
O4 PEG MA . -17.19 -6.68 -10.73
OH2 ETE NA . -9.07 -3.48 -17.77
C12 ETE NA . -8.16 -2.88 -18.65
C22 ETE NA . -7.55 -3.89 -19.64
OH3 ETE NA . -8.49 -4.85 -20.06
C13 ETE NA . -7.09 -5.84 -21.84
C23 ETE NA . -8.44 -5.21 -21.43
OH4 ETE NA . -7.22 -6.47 -23.09
C14 ETE NA . -5.11 -6.44 -24.35
C24 ETE NA . -6.13 -7.25 -23.52
OH5 ETE NA . -3.85 -6.40 -23.70
C15 ETE NA . -1.69 -7.39 -23.24
C25 ETE NA . -2.80 -7.14 -24.28
OH6 ETE NA . -0.54 -8.00 -23.81
C26 ETE NA . 0.34 -7.13 -24.46
N1 1PS OA . 0.73 -10.41 8.13
C1 1PS OA . -0.58 -10.38 7.81
C2 1PS OA . -1.15 -11.42 7.10
C3 1PS OA . 1.50 -11.45 7.76
C4 1PS OA . 0.94 -12.49 7.04
C5 1PS OA . -0.38 -12.47 6.72
C6 1PS OA . 1.34 -9.30 8.86
C7 1PS OA . 1.56 -9.70 10.30
C8 1PS OA . 1.39 -8.46 11.18
S1 1PS OA . 0.93 -9.12 12.81
O1 1PS OA . 1.86 -10.23 13.23
O2 1PS OA . 0.97 -8.04 13.86
O3 1PS OA . -0.46 -9.72 12.71
C1 EDO PA . -5.25 -43.08 14.30
O1 EDO PA . -5.99 -42.82 15.46
C2 EDO PA . -5.12 -44.58 14.12
O2 EDO PA . -4.39 -44.85 12.96
C1 EDO QA . 1.54 -18.90 3.73
O1 EDO QA . 1.21 -18.47 5.05
C2 EDO QA . 2.62 -20.01 3.72
O2 EDO QA . 2.78 -20.52 2.42
C FMT RA . 1.10 -26.06 -1.96
O1 FMT RA . 0.17 -26.18 -2.80
O2 FMT RA . 1.03 -25.23 -0.99
C FMT SA . 1.17 -14.37 16.88
O1 FMT SA . 0.11 -14.57 17.53
O2 FMT SA . 1.91 -15.35 16.59
C FMT TA . -13.08 -36.23 11.48
O1 FMT TA . -12.73 -36.18 12.68
O2 FMT TA . -12.50 -37.02 10.69
OH2 ETE UA . -1.42 -13.88 4.14
C12 ETE UA . -1.73 -15.25 4.02
C22 ETE UA . -1.00 -15.90 2.84
OH3 ETE UA . -1.95 -16.13 1.83
C13 ETE UA . -2.12 -16.13 -0.57
C23 ETE UA . -1.47 -16.77 0.67
OH4 ETE UA . -1.86 -16.91 -1.70
C14 ETE UA . -1.36 -19.23 -2.32
C24 ETE UA . -2.30 -18.26 -1.60
OH5 ETE UA . -0.43 -19.78 -1.40
C15 ETE UA . 0.44 -20.89 -3.39
C25 ETE UA . 0.33 -20.87 -1.87
OH6 ETE UA . 0.04 -22.12 -3.93
C26 ETE UA . -0.52 -22.04 -5.21
N1 1PS VA . 8.81 9.14 2.82
C1 1PS VA . 8.87 9.02 1.46
C2 1PS VA . 8.34 10.01 0.64
C3 1PS VA . 8.21 10.23 3.37
C4 1PS VA . 7.67 11.22 2.55
C5 1PS VA . 7.74 11.10 1.19
C6 1PS VA . 9.33 8.09 3.67
C7 1PS VA . 10.83 8.26 3.81
C8 1PS VA . 11.50 7.08 3.13
S1 1PS VA . 13.28 7.41 3.05
O1 1PS VA . 14.00 6.08 3.22
O2 1PS VA . 13.66 8.10 1.78
O3 1PS VA . 13.83 8.17 4.24
C1 EDO WA . 4.04 15.24 0.37
O1 EDO WA . 2.96 15.68 -0.41
C2 EDO WA . 4.69 14.06 -0.36
O2 EDO WA . 5.51 13.33 0.52
C FMT XA . 3.54 19.12 4.63
O1 FMT XA . 3.30 19.91 3.67
O2 FMT XA . 4.67 19.04 5.21
C FMT YA . 13.55 27.44 8.62
O1 FMT YA . 12.37 27.79 8.95
O2 FMT YA . 14.44 28.27 8.20
C FMT ZA . 16.27 35.93 -7.29
O1 FMT ZA . 15.22 36.52 -7.64
O2 FMT ZA . 16.84 35.14 -8.09
C FMT AB . 19.34 31.10 -13.36
O1 FMT AB . 20.49 31.14 -12.86
O2 FMT AB . 18.35 30.78 -12.64
C FMT BB . -0.10 25.63 3.24
O1 FMT BB . -0.56 25.65 2.06
O2 FMT BB . 0.77 24.79 3.61
C1 GOL CB . 12.73 23.04 -17.11
O1 GOL CB . 13.48 23.43 -18.22
C2 GOL CB . 13.46 21.80 -16.48
O2 GOL CB . 14.09 22.07 -15.23
C3 GOL CB . 12.33 20.74 -16.35
O3 GOL CB . 11.74 20.95 -15.09
C ACT DB . 8.36 -7.94 12.21
O ACT DB . 8.25 -7.58 10.99
OXT ACT DB . 9.15 -8.88 12.55
CH3 ACT DB . 7.52 -7.23 13.28
C1 EDO EB . 31.47 -4.75 -5.64
O1 EDO EB . 31.59 -5.14 -4.29
C2 EDO EB . 30.00 -4.53 -5.99
O2 EDO EB . 29.34 -3.87 -4.94
C1 EDO FB . 15.49 -27.12 5.44
O1 EDO FB . 15.38 -27.73 6.71
C2 EDO FB . 16.43 -27.93 4.53
O2 EDO FB . 15.82 -28.20 3.30
C FMT GB . 27.51 12.29 2.49
O1 FMT GB . 27.71 11.12 2.93
O2 FMT GB . 26.73 12.48 1.51
C FMT HB . 33.19 -0.71 5.71
O1 FMT HB . 33.61 0.28 6.40
O2 FMT HB . 32.86 -0.56 4.50
C FMT IB . 24.19 -6.73 -0.09
O1 FMT IB . 24.15 -7.37 -1.17
O2 FMT IB . 24.67 -7.26 0.96
C FMT JB . 25.01 -6.50 -4.98
O1 FMT JB . 25.04 -5.66 -5.92
O2 FMT JB . 24.12 -6.43 -4.09
C ACT KB . 5.30 1.45 8.86
O ACT KB . 4.10 1.83 9.00
OXT ACT KB . 5.80 0.64 9.70
CH3 ACT KB . 6.12 1.97 7.68
C FMT LB . -2.16 4.00 24.53
O1 FMT LB . -3.32 4.45 24.27
O2 FMT LB . -1.31 4.69 25.18
C FMT MB . 8.59 5.28 6.64
O1 FMT MB . 7.86 5.31 7.66
O2 FMT MB . 9.81 4.97 6.71
C1 PEG NB . 11.76 5.32 10.00
O1 PEG NB . 10.36 5.26 9.86
C2 PEG NB . 12.09 5.89 11.37
O2 PEG NB . 13.35 6.48 11.32
C3 PEG NB . 13.32 7.88 11.19
C4 PEG NB . 14.65 8.54 11.56
O4 PEG NB . 15.53 8.50 10.48
#